data_2HYA
# 
_entry.id   2HYA 
# 
_audit_conform.dict_name       mmcif_pdbx.dic 
_audit_conform.dict_version    5.387 
_audit_conform.dict_location   http://mmcif.pdb.org/dictionaries/ascii/mmcif_pdbx.dic 
# 
loop_
_database_2.database_id 
_database_2.database_code 
_database_2.pdbx_database_accession 
_database_2.pdbx_DOI 
PDB   2HYA         pdb_00002hya 10.2210/pdb2hya/pdb 
WWPDB D_1000178236 ?            ?                   
# 
loop_
_pdbx_audit_revision_history.ordinal 
_pdbx_audit_revision_history.data_content_type 
_pdbx_audit_revision_history.major_revision 
_pdbx_audit_revision_history.minor_revision 
_pdbx_audit_revision_history.revision_date 
1 'Structure model' 1 0 1980-03-28 
2 'Structure model' 1 1 2008-03-21 
3 'Structure model' 1 2 2011-07-13 
4 'Structure model' 2 0 2020-07-29 
5 'Structure model' 2 1 2024-02-21 
# 
loop_
_pdbx_audit_revision_details.ordinal 
_pdbx_audit_revision_details.revision_ordinal 
_pdbx_audit_revision_details.data_content_type 
_pdbx_audit_revision_details.provider 
_pdbx_audit_revision_details.type 
_pdbx_audit_revision_details.description 
_pdbx_audit_revision_details.details 
1 1 'Structure model' repository 'Initial release' ?                          ? 
2 4 'Structure model' repository Remediation       'Carbohydrate remediation' ? 
# 
loop_
_pdbx_audit_revision_group.ordinal 
_pdbx_audit_revision_group.revision_ordinal 
_pdbx_audit_revision_group.data_content_type 
_pdbx_audit_revision_group.group 
1  2 'Structure model' 'Version format compliance' 
2  3 'Structure model' 'Non-polymer description'   
3  3 'Structure model' 'Version format compliance' 
4  4 'Structure model' Advisory                    
5  4 'Structure model' 'Atomic model'              
6  4 'Structure model' 'Data collection'           
7  4 'Structure model' 'Database references'       
8  4 'Structure model' 'Derived calculations'      
9  4 'Structure model' Other                       
10 4 'Structure model' 'Structure summary'         
11 5 'Structure model' 'Data collection'           
12 5 'Structure model' 'Database references'       
13 5 'Structure model' 'Structure summary'         
# 
loop_
_pdbx_audit_revision_category.ordinal 
_pdbx_audit_revision_category.revision_ordinal 
_pdbx_audit_revision_category.data_content_type 
_pdbx_audit_revision_category.category 
1  4 'Structure model' atom_site                     
2  4 'Structure model' chem_comp                     
3  4 'Structure model' database_PDB_caveat           
4  4 'Structure model' entity                        
5  4 'Structure model' pdbx_branch_scheme            
6  4 'Structure model' pdbx_chem_comp_identifier     
7  4 'Structure model' pdbx_database_status          
8  4 'Structure model' pdbx_entity_branch            
9  4 'Structure model' pdbx_entity_branch_descriptor 
10 4 'Structure model' pdbx_entity_branch_link       
11 4 'Structure model' pdbx_entity_branch_list       
12 4 'Structure model' pdbx_entity_nonpoly           
13 4 'Structure model' pdbx_nonpoly_scheme           
14 4 'Structure model' pdbx_struct_assembly_gen      
15 4 'Structure model' struct_asym                   
16 4 'Structure model' struct_conn                   
17 4 'Structure model' struct_ref                    
18 4 'Structure model' struct_ref_seq                
19 4 'Structure model' struct_site                   
20 4 'Structure model' struct_site_gen               
21 5 'Structure model' chem_comp                     
22 5 'Structure model' chem_comp_atom                
23 5 'Structure model' chem_comp_bond                
24 5 'Structure model' database_2                    
# 
loop_
_pdbx_audit_revision_item.ordinal 
_pdbx_audit_revision_item.revision_ordinal 
_pdbx_audit_revision_item.data_content_type 
_pdbx_audit_revision_item.item 
1  4 'Structure model' '_atom_site.label_asym_id'               
2  4 'Structure model' '_atom_site.label_entity_id'             
3  4 'Structure model' '_chem_comp.name'                        
4  4 'Structure model' '_chem_comp.type'                        
5  4 'Structure model' '_pdbx_database_status.process_site'     
6  4 'Structure model' '_pdbx_struct_assembly_gen.asym_id_list' 
7  4 'Structure model' '_struct_conn.pdbx_leaving_atom_flag'    
8  4 'Structure model' '_struct_conn.ptnr1_label_asym_id'       
9  4 'Structure model' '_struct_conn.ptnr2_label_asym_id'       
10 5 'Structure model' '_chem_comp.pdbx_synonyms'               
11 5 'Structure model' '_database_2.pdbx_DOI'                   
12 5 'Structure model' '_database_2.pdbx_database_accession'    
# 
loop_
_database_PDB_caveat.id 
_database_PDB_caveat.text 
1 'GCU A 3 HAS WRONG CHIRALITY AT ATOM C1' 
2 'GCU A 5 HAS WRONG CHIRALITY AT ATOM C1' 
3 'GCU A 7 HAS WRONG CHIRALITY AT ATOM C1' 
# 
_pdbx_database_status.status_code                     REL 
_pdbx_database_status.entry_id                        2HYA 
_pdbx_database_status.recvd_initial_deposition_date   1977-11-20 
_pdbx_database_status.deposit_site                    ? 
_pdbx_database_status.process_site                    BNL 
_pdbx_database_status.SG_entry                        . 
_pdbx_database_status.status_code_sf                  ? 
_pdbx_database_status.status_code_mr                  ? 
_pdbx_database_status.pdb_format_compatible           Y 
_pdbx_database_status.status_code_cs                  ? 
_pdbx_database_status.status_code_nmr_data            ? 
_pdbx_database_status.methods_development_category    ? 
# 
_audit_author.name           'Arnott, S.' 
_audit_author.pdbx_ordinal   1 
# 
loop_
_citation.id 
_citation.title 
_citation.journal_abbrev 
_citation.journal_volume 
_citation.page_first 
_citation.page_last 
_citation.year 
_citation.journal_id_ASTM 
_citation.country 
_citation.journal_id_ISSN 
_citation.journal_id_CSD 
_citation.book_publisher 
_citation.pdbx_database_id_PubMed 
_citation.pdbx_database_id_DOI 
primary 'Hyaluronic acid: molecular conformations and interactions in two sodium salts.' J.Mol.Biol.                95 359 384 
1975 JMOBAK UK 0022-2836 0070 ? 1152059 '10.1016/0022-2836(75)90196-5' 
1       
;Lals, a Linked-Atom Least-Squares Reciprocal-Space Refinement System Incorporating Stereochemical Restraints to Supplement Sparse Diffraction Data
;
'Acta Crystallogr.,Sect.A' 34 3   ?   1978 ACACEQ DK 0108-7673 0621 ? ?       ?                              
2       
;Hyaluronic Acid, Structure of a Fully Extended 3-Fold Helical Sodium Salt and Comparison with the Less Extended 4-Fold Helical Forms
;
J.Mol.Biol.                99 219 ?   1975 JMOBAK UK 0022-2836 0070 ? ?       ?                              
# 
loop_
_citation_author.citation_id 
_citation_author.name 
_citation_author.ordinal 
_citation_author.identifier_ORCID 
primary 'Guss, J.M.'    1  ? 
primary 'Hukins, D.W.'  2  ? 
primary 'Smith, P.J.'   3  ? 
primary 'Winter, W.T.'  4  ? 
primary 'Arnott, S.'    5  ? 
1       'Smith, P.J.C.' 6  ? 
1       'Arnott, S.'    7  ? 
2       'Winter, W.T.'  8  ? 
2       'Smith, P.J.C.' 9  ? 
2       'Arnott, S.'    10 ? 
# 
loop_
_entity.id 
_entity.type 
_entity.src_method 
_entity.pdbx_description 
_entity.formula_weight 
_entity.pdbx_number_of_molecules 
_entity.pdbx_ec 
_entity.pdbx_mutation 
_entity.pdbx_fragment 
_entity.details 
1 branched    man 
;2-acetamido-2-deoxy-beta-D-glucopyranose-(1-4)-alpha-D-glucopyranuronic acid-(1-3)-2-acetamido-2-deoxy-beta-D-glucopyranose-(1-4)-alpha-D-glucopyranuronic acid-(1-3)-2-acetamido-2-deoxy-beta-D-glucopyranose-(1-4)-alpha-D-glucopyranuronic acid-(1-3)-2-acetamido-2-deoxy-beta-D-glucopyranose-(1-4)-alpha-D-glucopyranuronic acid
;
1535.282 1 ? ? ? ? 
2 non-polymer syn 'SODIUM ION' 22.990   4 ? ? ? ? 
# 
_pdbx_entity_nonpoly.entity_id   2 
_pdbx_entity_nonpoly.name        'SODIUM ION' 
_pdbx_entity_nonpoly.comp_id     NA 
# 
_pdbx_entity_branch.entity_id   1 
_pdbx_entity_branch.type        oligosaccharide 
# 
loop_
_pdbx_entity_branch_descriptor.ordinal 
_pdbx_entity_branch_descriptor.entity_id 
_pdbx_entity_branch_descriptor.descriptor 
_pdbx_entity_branch_descriptor.type 
_pdbx_entity_branch_descriptor.program 
_pdbx_entity_branch_descriptor.program_version 
1 1 DGlcpNAcb1-4DGlcpAa1-3DGlcpNAcb1-4DGlcpAa1-3DGlcpNAcb1-4DGlcpAa1-3DGlcpNAcb1-4DGlcpAa1-ROH 'Glycam Condensed Sequence' GMML 
1.0   
2 1 'WURCS=2.0/2,8,7/[a2122A-1a_1-5][a2122h-1b_1-5_2*NCC/3=O]/1-2-1-2-1-2-1-2/a4-b1_b3-c1_c4-d1_d3-e1_e4-f1_f3-g1_g4-h1' WURCS 
PDB2Glycan 1.1.0 
3 1 
;[][D-1-deoxy-GlcpA]{[(4+1)][b-D-GlcpNAc]{[(3+1)][b-D-GlcpA]{[(4+1)][b-D-GlcpNAc]{[(3+1)][b-D-GlcpA]{[(4+1)][b-D-GlcpNAc]{[(3+1)][b-D-GlcpA]{[(4+1)][b-D-GlcpNAc]{}}}}}}}}
;
LINUCS                      PDB-CARE   ?     
# 
loop_
_pdbx_entity_branch_link.link_id 
_pdbx_entity_branch_link.entity_id 
_pdbx_entity_branch_link.entity_branch_list_num_1 
_pdbx_entity_branch_link.comp_id_1 
_pdbx_entity_branch_link.atom_id_1 
_pdbx_entity_branch_link.leaving_atom_id_1 
_pdbx_entity_branch_link.entity_branch_list_num_2 
_pdbx_entity_branch_link.comp_id_2 
_pdbx_entity_branch_link.atom_id_2 
_pdbx_entity_branch_link.leaving_atom_id_2 
_pdbx_entity_branch_link.value_order 
_pdbx_entity_branch_link.details 
1 1 2 NAG C1 O1 1 GCU O4 HO4 sing ? 
2 1 3 GCU C1 O1 2 NAG O3 HO3 sing ? 
3 1 4 NAG C1 O1 3 GCU O4 HO4 sing ? 
4 1 5 GCU C1 O1 4 NAG O3 HO3 sing ? 
5 1 6 NAG C1 O1 5 GCU O4 HO4 sing ? 
6 1 7 GCU C1 O1 6 NAG O3 HO3 sing ? 
7 1 8 NAG C1 O1 7 GCU O4 HO4 sing ? 
# 
loop_
_chem_comp.id 
_chem_comp.type 
_chem_comp.mon_nstd_flag 
_chem_comp.name 
_chem_comp.pdbx_synonyms 
_chem_comp.formula 
_chem_comp.formula_weight 
GCU 'D-saccharide, alpha linking' . 'alpha-D-glucopyranuronic acid'          
'alpha-D-glucuronic acid; D-glucuronic acid; glucuronic acid' 'C6 H10 O7'   194.139 
NA  non-polymer                   . 'SODIUM ION'                             ? 'Na 1'        22.990  
NAG 'D-saccharide, beta linking'  . 2-acetamido-2-deoxy-beta-D-glucopyranose 
;N-acetyl-beta-D-glucosamine; 2-acetamido-2-deoxy-beta-D-glucose; 2-acetamido-2-deoxy-D-glucose; 2-acetamido-2-deoxy-glucose; N-ACETYL-D-GLUCOSAMINE
;
'C8 H15 N O6' 221.208 
# 
loop_
_pdbx_chem_comp_identifier.comp_id 
_pdbx_chem_comp_identifier.type 
_pdbx_chem_comp_identifier.program 
_pdbx_chem_comp_identifier.program_version 
_pdbx_chem_comp_identifier.identifier 
GCU 'CONDENSED IUPAC CARBOHYDRATE SYMBOL' GMML     1.0 DGlcpAa                        
GCU 'COMMON NAME'                         GMML     1.0 'a-D-glucopyranuronic acid'    
GCU 'IUPAC CARBOHYDRATE SYMBOL'           PDB-CARE 1.0 a-D-GlcpA                      
GCU 'SNFG CARBOHYDRATE SYMBOL'            GMML     1.0 GlcA                           
NAG 'CONDENSED IUPAC CARBOHYDRATE SYMBOL' GMML     1.0 DGlcpNAcb                      
NAG 'COMMON NAME'                         GMML     1.0 N-acetyl-b-D-glucopyranosamine 
NAG 'IUPAC CARBOHYDRATE SYMBOL'           PDB-CARE 1.0 b-D-GlcpNAc                    
NAG 'SNFG CARBOHYDRATE SYMBOL'            GMML     1.0 GlcNAc                         
# 
loop_
_pdbx_branch_scheme.asym_id 
_pdbx_branch_scheme.entity_id 
_pdbx_branch_scheme.mon_id 
_pdbx_branch_scheme.num 
_pdbx_branch_scheme.pdb_asym_id 
_pdbx_branch_scheme.pdb_mon_id 
_pdbx_branch_scheme.pdb_seq_num 
_pdbx_branch_scheme.auth_asym_id 
_pdbx_branch_scheme.auth_mon_id 
_pdbx_branch_scheme.auth_seq_num 
_pdbx_branch_scheme.hetero 
A 1 GCU 1 A GCU 1 ? GCU 1 n 
A 1 NAG 2 A NAG 2 ? NAG 2 n 
A 1 GCU 3 A GCU 3 ? GCU 3 n 
A 1 NAG 4 A NAG 4 ? NAG 4 n 
A 1 GCU 5 A GCU 5 ? GCU 5 n 
A 1 NAG 6 A NAG 6 ? NAG 6 n 
A 1 GCU 7 A GCU 7 ? GCU 7 n 
A 1 NAG 8 A NAG 8 ? NAG 8 n 
# 
loop_
_pdbx_nonpoly_scheme.asym_id 
_pdbx_nonpoly_scheme.entity_id 
_pdbx_nonpoly_scheme.mon_id 
_pdbx_nonpoly_scheme.ndb_seq_num 
_pdbx_nonpoly_scheme.pdb_seq_num 
_pdbx_nonpoly_scheme.auth_seq_num 
_pdbx_nonpoly_scheme.pdb_mon_id 
_pdbx_nonpoly_scheme.auth_mon_id 
_pdbx_nonpoly_scheme.pdb_strand_id 
_pdbx_nonpoly_scheme.pdb_ins_code 
B 2 NA 1 9  1 NA NA A . 
C 2 NA 1 10 2 NA NA A . 
D 2 NA 1 11 3 NA NA A . 
E 2 NA 1 12 4 NA NA A . 
# 
_pdbx_unobs_or_zero_occ_atoms.id               1 
_pdbx_unobs_or_zero_occ_atoms.PDB_model_num    1 
_pdbx_unobs_or_zero_occ_atoms.polymer_flag     N 
_pdbx_unobs_or_zero_occ_atoms.occupancy_flag   1 
_pdbx_unobs_or_zero_occ_atoms.auth_asym_id     A 
_pdbx_unobs_or_zero_occ_atoms.auth_comp_id     GCU 
_pdbx_unobs_or_zero_occ_atoms.auth_seq_id      1 
_pdbx_unobs_or_zero_occ_atoms.PDB_ins_code     ? 
_pdbx_unobs_or_zero_occ_atoms.auth_atom_id     O1 
_pdbx_unobs_or_zero_occ_atoms.label_alt_id     ? 
_pdbx_unobs_or_zero_occ_atoms.label_asym_id    A 
_pdbx_unobs_or_zero_occ_atoms.label_comp_id    GCU 
_pdbx_unobs_or_zero_occ_atoms.label_seq_id     1 
_pdbx_unobs_or_zero_occ_atoms.label_atom_id    O1 
# 
loop_
_software.name 
_software.classification 
_software.version 
_software.citation_id 
_software.pdbx_ordinal 
LINKED-ATOM refinement 'LEAST-SQUARES MODEL-BUILDING PROCEDURE' ? 1 
LALS        refinement .                                        ? 2 
# 
_cell.entry_id           2HYA 
_cell.length_a           9.890 
_cell.length_b           9.890 
_cell.length_c           33.940 
_cell.angle_alpha        90.00 
_cell.angle_beta         90.00 
_cell.angle_gamma        90.00 
_cell.Z_PDB              4 
_cell.pdbx_unique_axis   ? 
_cell.length_a_esd       ? 
_cell.length_b_esd       ? 
_cell.length_c_esd       ? 
_cell.angle_alpha_esd    ? 
_cell.angle_beta_esd     ? 
_cell.angle_gamma_esd    ? 
# 
_symmetry.entry_id                         2HYA 
_symmetry.space_group_name_H-M             'P 43 21 2' 
_symmetry.pdbx_full_space_group_name_H-M   ? 
_symmetry.cell_setting                     ? 
_symmetry.Int_Tables_number                96 
_symmetry.space_group_name_Hall            ? 
# 
_exptl.entry_id          2HYA 
_exptl.method            'FIBER DIFFRACTION' 
_exptl.crystals_number   ? 
# 
_exptl_crystal.id                    1 
_exptl_crystal.density_meas          ? 
_exptl_crystal.density_Matthews      ? 
_exptl_crystal.density_percent_sol   ? 
_exptl_crystal.description           ? 
_exptl_crystal.F_000                 ? 
_exptl_crystal.preparation           ? 
# 
_diffrn.id                     1 
_diffrn.ambient_temp           ? 
_diffrn.ambient_temp_details   ? 
_diffrn.crystal_id             1 
# 
_diffrn_radiation.diffrn_id                        1 
_diffrn_radiation.wavelength_id                    1 
_diffrn_radiation.monochromator                    ? 
_diffrn_radiation.pdbx_monochromatic_or_laue_m_l   ? 
_diffrn_radiation.pdbx_diffrn_protocol             ? 
_diffrn_radiation.pdbx_scattering_type             ? 
# 
_diffrn_radiation_wavelength.id           1 
_diffrn_radiation_wavelength.wavelength   . 
_diffrn_radiation_wavelength.wt           1.0 
# 
_refine.entry_id                                 2HYA 
_refine.ls_number_reflns_obs                     ? 
_refine.ls_number_reflns_all                     ? 
_refine.pdbx_ls_sigma_I                          ? 
_refine.pdbx_ls_sigma_F                          ? 
_refine.pdbx_data_cutoff_high_absF               ? 
_refine.pdbx_data_cutoff_low_absF                ? 
_refine.pdbx_data_cutoff_high_rms_absF           ? 
_refine.ls_d_res_low                             . 
_refine.ls_d_res_high                            3.0 
_refine.ls_percent_reflns_obs                    ? 
_refine.ls_R_factor_obs                          ? 
_refine.ls_R_factor_all                          ? 
_refine.ls_R_factor_R_work                       ? 
_refine.ls_R_factor_R_free                       ? 
_refine.ls_R_factor_R_free_error                 ? 
_refine.ls_R_factor_R_free_error_details         ? 
_refine.ls_percent_reflns_R_free                 ? 
_refine.ls_number_reflns_R_free                  ? 
_refine.ls_number_parameters                     ? 
_refine.ls_number_restraints                     ? 
_refine.occupancy_min                            ? 
_refine.occupancy_max                            ? 
_refine.B_iso_mean                               ? 
_refine.aniso_B[1][1]                            ? 
_refine.aniso_B[2][2]                            ? 
_refine.aniso_B[3][3]                            ? 
_refine.aniso_B[1][2]                            ? 
_refine.aniso_B[1][3]                            ? 
_refine.aniso_B[2][3]                            ? 
_refine.solvent_model_details                    ? 
_refine.solvent_model_param_ksol                 ? 
_refine.solvent_model_param_bsol                 ? 
_refine.pdbx_ls_cross_valid_method               ? 
_refine.details                                  
;THE SPACE GROUP USED FOR THIS ANALYSIS WAS P 43 21 2 IN A
NON-STANDARD SETTING WITH THE ORIGIN ON THE 43 AXIS.
;
_refine.pdbx_starting_model                      ? 
_refine.pdbx_method_to_determine_struct          ? 
_refine.pdbx_isotropic_thermal_model             ? 
_refine.pdbx_stereochemistry_target_values       ? 
_refine.pdbx_stereochem_target_val_spec_case     ? 
_refine.pdbx_R_Free_selection_details            ? 
_refine.pdbx_overall_ESU_R                       ? 
_refine.pdbx_overall_ESU_R_Free                  ? 
_refine.overall_SU_ML                            ? 
_refine.overall_SU_B                             ? 
_refine.pdbx_refine_id                           'FIBER DIFFRACTION' 
_refine.ls_redundancy_reflns_obs                 ? 
_refine.pdbx_overall_phase_error                 ? 
_refine.B_iso_min                                ? 
_refine.B_iso_max                                ? 
_refine.correlation_coeff_Fo_to_Fc               ? 
_refine.correlation_coeff_Fo_to_Fc_free          ? 
_refine.pdbx_solvent_vdw_probe_radii             ? 
_refine.pdbx_solvent_ion_probe_radii             ? 
_refine.pdbx_solvent_shrinkage_radii             ? 
_refine.overall_SU_R_Cruickshank_DPI             ? 
_refine.overall_SU_R_free                        ? 
_refine.ls_wR_factor_R_free                      ? 
_refine.ls_wR_factor_R_work                      ? 
_refine.overall_FOM_free_R_set                   ? 
_refine.overall_FOM_work_R_set                   ? 
_refine.pdbx_diffrn_id                           1 
_refine.pdbx_TLS_residual_ADP_flag               ? 
_refine.pdbx_overall_SU_R_free_Cruickshank_DPI   ? 
_refine.pdbx_overall_SU_R_Blow_DPI               ? 
_refine.pdbx_overall_SU_R_free_Blow_DPI          ? 
# 
_refine_hist.pdbx_refine_id                   'FIBER DIFFRACTION' 
_refine_hist.cycle_id                         LAST 
_refine_hist.pdbx_number_atoms_protein        0 
_refine_hist.pdbx_number_atoms_nucleic_acid   0 
_refine_hist.pdbx_number_atoms_ligand         108 
_refine_hist.number_atoms_solvent             0 
_refine_hist.number_atoms_total               108 
_refine_hist.d_res_high                       3.0 
_refine_hist.d_res_low                        . 
# 
_struct.entry_id                  2HYA 
_struct.title                     'HYALURONIC ACID, MOLECULAR CONFORMATIONS AND INTERACTIONS IN TWO SODIUM SALTS' 
_struct.pdbx_model_details        ? 
_struct.pdbx_CASP_flag            ? 
_struct.pdbx_model_type_details   ? 
# 
_struct_keywords.entry_id        2HYA 
_struct_keywords.pdbx_keywords   'TEXTURE OF CONNECTIVE TISSUE' 
_struct_keywords.text            'TEXTURE OF CONNECTIVE TISSUE' 
# 
loop_
_struct_asym.id 
_struct_asym.pdbx_blank_PDB_chainid_flag 
_struct_asym.pdbx_modified 
_struct_asym.entity_id 
_struct_asym.details 
A N N 1 ? 
B N N 2 ? 
C N N 2 ? 
D N N 2 ? 
E N N 2 ? 
# 
_pdbx_struct_assembly.id                   1 
_pdbx_struct_assembly.details              author_defined_assembly 
_pdbx_struct_assembly.method_details       ? 
_pdbx_struct_assembly.oligomeric_details   monomeric 
_pdbx_struct_assembly.oligomeric_count     1 
# 
_pdbx_struct_assembly_gen.assembly_id       1 
_pdbx_struct_assembly_gen.oper_expression   1 
_pdbx_struct_assembly_gen.asym_id_list      A,B,C,D,E 
# 
_pdbx_struct_oper_list.id                   1 
_pdbx_struct_oper_list.type                 'identity operation' 
_pdbx_struct_oper_list.name                 1_555 
_pdbx_struct_oper_list.symmetry_operation   x,y,z 
_pdbx_struct_oper_list.matrix[1][1]         1.0000000000 
_pdbx_struct_oper_list.matrix[1][2]         0.0000000000 
_pdbx_struct_oper_list.matrix[1][3]         0.0000000000 
_pdbx_struct_oper_list.vector[1]            0.0000000000 
_pdbx_struct_oper_list.matrix[2][1]         0.0000000000 
_pdbx_struct_oper_list.matrix[2][2]         1.0000000000 
_pdbx_struct_oper_list.matrix[2][3]         0.0000000000 
_pdbx_struct_oper_list.vector[2]            0.0000000000 
_pdbx_struct_oper_list.matrix[3][1]         0.0000000000 
_pdbx_struct_oper_list.matrix[3][2]         0.0000000000 
_pdbx_struct_oper_list.matrix[3][3]         1.0000000000 
_pdbx_struct_oper_list.vector[3]            0.0000000000 
# 
_struct_biol.id                    1 
_struct_biol.details               
;THE EIGHT-RESIDUE CHAIN SEGMENT GIVEN HERE WAS GENERATED
FROM THE PUBLISHED TWO-RESIDUE SEGMENT BY APPLICATION OF
THE 43 SCREW AXIS AS DEFINED IN THE FOOTNOTE TO TABLE 5 OF
THE PAPER CITED IN THE JRNL RECORDS ABOVE.
;
_struct_biol.pdbx_parent_biol_id   ? 
# 
loop_
_struct_conn.id 
_struct_conn.conn_type_id 
_struct_conn.pdbx_leaving_atom_flag 
_struct_conn.pdbx_PDB_id 
_struct_conn.ptnr1_label_asym_id 
_struct_conn.ptnr1_label_comp_id 
_struct_conn.ptnr1_label_seq_id 
_struct_conn.ptnr1_label_atom_id 
_struct_conn.pdbx_ptnr1_label_alt_id 
_struct_conn.pdbx_ptnr1_PDB_ins_code 
_struct_conn.pdbx_ptnr1_standard_comp_id 
_struct_conn.ptnr1_symmetry 
_struct_conn.ptnr2_label_asym_id 
_struct_conn.ptnr2_label_comp_id 
_struct_conn.ptnr2_label_seq_id 
_struct_conn.ptnr2_label_atom_id 
_struct_conn.pdbx_ptnr2_label_alt_id 
_struct_conn.pdbx_ptnr2_PDB_ins_code 
_struct_conn.ptnr1_auth_asym_id 
_struct_conn.ptnr1_auth_comp_id 
_struct_conn.ptnr1_auth_seq_id 
_struct_conn.ptnr2_auth_asym_id 
_struct_conn.ptnr2_auth_comp_id 
_struct_conn.ptnr2_auth_seq_id 
_struct_conn.ptnr2_symmetry 
_struct_conn.pdbx_ptnr3_label_atom_id 
_struct_conn.pdbx_ptnr3_label_seq_id 
_struct_conn.pdbx_ptnr3_label_comp_id 
_struct_conn.pdbx_ptnr3_label_asym_id 
_struct_conn.pdbx_ptnr3_label_alt_id 
_struct_conn.pdbx_ptnr3_PDB_ins_code 
_struct_conn.details 
_struct_conn.pdbx_dist_value 
_struct_conn.pdbx_value_order 
_struct_conn.pdbx_role 
covale1 covale both ? A GCU . O4 ? ? ? 1_555 A NAG . C1 ? ? A GCU 1 A NAG 2 1_555 ? ? ? ? ? ? ? 1.389 ? ? 
covale2 covale both ? A NAG . O3 ? ? ? 1_555 A GCU . C1 ? ? A NAG 2 A GCU 3 1_555 ? ? ? ? ? ? ? 1.389 ? ? 
covale3 covale both ? A GCU . O4 ? ? ? 1_555 A NAG . C1 ? ? A GCU 3 A NAG 4 1_555 ? ? ? ? ? ? ? 1.389 ? ? 
covale4 covale both ? A NAG . O3 ? ? ? 1_555 A GCU . C1 ? ? A NAG 4 A GCU 5 1_555 ? ? ? ? ? ? ? 1.389 ? ? 
covale5 covale both ? A GCU . O4 ? ? ? 1_555 A NAG . C1 ? ? A GCU 5 A NAG 6 1_555 ? ? ? ? ? ? ? 1.389 ? ? 
covale6 covale both ? A NAG . O3 ? ? ? 1_555 A GCU . C1 ? ? A NAG 6 A GCU 7 1_555 ? ? ? ? ? ? ? 1.389 ? ? 
covale7 covale both ? A GCU . O4 ? ? ? 1_555 A NAG . C1 ? ? A GCU 7 A NAG 8 1_555 ? ? ? ? ? ? ? 1.389 ? ? 
# 
_struct_conn_type.id          covale 
_struct_conn_type.criteria    ? 
_struct_conn_type.reference   ? 
# 
loop_
_pdbx_validate_symm_contact.id 
_pdbx_validate_symm_contact.PDB_model_num 
_pdbx_validate_symm_contact.auth_atom_id_1 
_pdbx_validate_symm_contact.auth_asym_id_1 
_pdbx_validate_symm_contact.auth_comp_id_1 
_pdbx_validate_symm_contact.auth_seq_id_1 
_pdbx_validate_symm_contact.PDB_ins_code_1 
_pdbx_validate_symm_contact.label_alt_id_1 
_pdbx_validate_symm_contact.site_symmetry_1 
_pdbx_validate_symm_contact.auth_atom_id_2 
_pdbx_validate_symm_contact.auth_asym_id_2 
_pdbx_validate_symm_contact.auth_comp_id_2 
_pdbx_validate_symm_contact.auth_seq_id_2 
_pdbx_validate_symm_contact.PDB_ins_code_2 
_pdbx_validate_symm_contact.label_alt_id_2 
_pdbx_validate_symm_contact.site_symmetry_2 
_pdbx_validate_symm_contact.dist 
1   1 C1  A NAG 4  ? ? 1_555 C1  A NAG 8  ? ? 2_554 0.00 
2   1 H62 A NAG 2  ? ? 1_555 H62 A NAG 6  ? ? 2_554 0.00 
3   1 H81 A NAG 2  ? ? 1_555 H81 A NAG 6  ? ? 2_554 0.00 
4   1 H2  A GCU 1  ? ? 1_555 H2  A GCU 5  ? ? 2_554 0.00 
5   1 H3  A NAG 2  ? ? 1_555 H3  A NAG 6  ? ? 2_554 0.00 
6   1 O3  A GCU 3  ? ? 1_555 O3  A GCU 7  ? ? 2_554 0.00 
7   1 H83 A NAG 4  ? ? 1_555 H83 A NAG 8  ? ? 2_554 0.00 
8   1 O2  A GCU 1  ? ? 1_555 O2  A GCU 5  ? ? 2_554 0.00 
9   1 O6A A GCU 1  ? ? 1_555 O6A A GCU 5  ? ? 2_554 0.00 
10  1 C4  A NAG 2  ? ? 1_555 C4  A NAG 6  ? ? 2_554 0.00 
11  1 HN2 A NAG 2  ? ? 1_555 HN2 A NAG 6  ? ? 2_554 0.00 
12  1 C4  A GCU 3  ? ? 1_555 C4  A GCU 7  ? ? 2_554 0.00 
13  1 O5  A GCU 3  ? ? 1_555 O5  A GCU 7  ? ? 2_554 0.00 
14  1 C5  A NAG 4  ? ? 1_555 C5  A NAG 8  ? ? 2_554 0.00 
15  1 C7  A NAG 4  ? ? 1_555 C7  A NAG 8  ? ? 2_554 0.00 
16  1 N2  A NAG 4  ? ? 1_555 N2  A NAG 8  ? ? 2_554 0.00 
17  1 O7  A NAG 4  ? ? 1_555 O7  A NAG 8  ? ? 2_554 0.00 
18  1 H5  A NAG 4  ? ? 1_555 H5  A NAG 8  ? ? 2_554 0.00 
19  1 C2  A NAG 2  ? ? 1_555 C2  A NAG 6  ? ? 2_554 0.00 
20  1 O6  A NAG 2  ? ? 1_555 O6  A NAG 6  ? ? 2_554 0.00 
21  1 H1  A GCU 1  ? ? 1_555 H1  A GCU 5  ? ? 2_554 0.00 
22  1 H5  A GCU 1  ? ? 1_555 H5  A GCU 5  ? ? 2_554 0.00 
23  1 C4  A GCU 1  ? ? 1_555 C4  A GCU 5  ? ? 2_554 0.00 
24  1 O5  A GCU 1  ? ? 1_555 O5  A GCU 5  ? ? 2_554 0.00 
25  1 H3  A GCU 1  ? ? 1_555 H3  A GCU 5  ? ? 2_554 0.00 
26  1 C3  A NAG 2  ? ? 1_555 C3  A NAG 6  ? ? 2_554 0.00 
27  1 O3  A NAG 2  ? ? 1_555 O3  A NAG 6  ? ? 2_554 0.00 
28  1 O7  A NAG 2  ? ? 1_555 O7  A NAG 6  ? ? 2_554 0.00 
29  1 H61 A NAG 2  ? ? 1_555 H61 A NAG 6  ? ? 2_554 0.00 
30  1 C5  A GCU 3  ? ? 1_555 C5  A GCU 7  ? ? 2_554 0.00 
31  1 C6  A GCU 3  ? ? 1_555 C6  A GCU 7  ? ? 2_554 0.00 
32  1 O6B A GCU 3  ? ? 1_555 O6B A GCU 7  ? ? 2_554 0.00 
33  1 C8  A NAG 4  ? ? 1_555 C8  A NAG 8  ? ? 2_554 0.00 
34  1 H81 A NAG 4  ? ? 1_555 H81 A NAG 8  ? ? 2_554 0.00 
35  1 H82 A NAG 4  ? ? 1_555 H82 A NAG 8  ? ? 2_554 0.00 
36  1 C3  A GCU 1  ? ? 1_555 C3  A GCU 5  ? ? 2_554 0.00 
37  1 O6B A GCU 1  ? ? 1_555 O6B A GCU 5  ? ? 2_554 0.00 
38  1 C7  A NAG 2  ? ? 1_555 C7  A NAG 6  ? ? 2_554 0.00 
39  1 C8  A NAG 2  ? ? 1_555 C8  A NAG 6  ? ? 2_554 0.00 
40  1 H82 A NAG 2  ? ? 1_555 H82 A NAG 6  ? ? 2_554 0.00 
41  1 NA  A NA  9  ? ? 1_555 NA  A NA  11 ? ? 2_554 0.00 
42  1 C6  A GCU 1  ? ? 1_555 C6  A GCU 5  ? ? 2_554 0.00 
43  1 C1  A NAG 2  ? ? 1_555 C1  A NAG 6  ? ? 2_554 0.00 
44  1 C5  A NAG 2  ? ? 1_555 C5  A NAG 6  ? ? 2_554 0.00 
45  1 O4  A NAG 2  ? ? 1_555 O4  A NAG 6  ? ? 2_554 0.00 
46  1 C1  A GCU 3  ? ? 1_555 C1  A GCU 7  ? ? 2_554 0.00 
47  1 C2  A GCU 3  ? ? 1_555 C2  A GCU 7  ? ? 2_554 0.00 
48  1 O4  A GCU 3  ? ? 1_555 O4  A GCU 7  ? ? 2_554 0.00 
49  1 H2  A GCU 3  ? ? 1_555 H2  A GCU 7  ? ? 2_554 0.00 
50  1 H4  A GCU 3  ? ? 1_555 H4  A GCU 7  ? ? 2_554 0.00 
51  1 C6  A NAG 4  ? ? 1_555 C6  A NAG 8  ? ? 2_554 0.00 
52  1 O4  A NAG 4  ? ? 1_555 O4  A NAG 8  ? ? 2_554 0.00 
53  1 H3  A NAG 4  ? ? 1_555 H3  A NAG 8  ? ? 2_554 0.00 
54  1 H62 A NAG 4  ? ? 1_555 H62 A NAG 8  ? ? 2_554 0.00 
55  1 O4  A GCU 1  ? ? 1_555 O4  A GCU 5  ? ? 2_554 0.00 
56  1 H4  A GCU 1  ? ? 1_555 H4  A GCU 5  ? ? 2_554 0.00 
57  1 C1  A GCU 1  ? ? 1_555 C1  A GCU 5  ? ? 2_554 0.00 
58  1 C2  A GCU 1  ? ? 1_555 C2  A GCU 5  ? ? 2_554 0.00 
59  1 C6  A NAG 2  ? ? 1_555 C6  A NAG 6  ? ? 2_554 0.00 
60  1 H1  A NAG 2  ? ? 1_555 H1  A NAG 6  ? ? 2_554 0.00 
61  1 H2  A NAG 2  ? ? 1_555 H2  A NAG 6  ? ? 2_554 0.00 
62  1 O2  A GCU 3  ? ? 1_555 O2  A GCU 7  ? ? 2_554 0.00 
63  1 O6A A GCU 3  ? ? 1_555 O6A A GCU 7  ? ? 2_554 0.00 
64  1 O5  A NAG 4  ? ? 1_555 O5  A NAG 8  ? ? 2_554 0.00 
65  1 O6  A NAG 4  ? ? 1_555 O6  A NAG 8  ? ? 2_554 0.00 
66  1 H1  A NAG 4  ? ? 1_555 H1  A NAG 8  ? ? 2_554 0.00 
67  1 H2  A NAG 4  ? ? 1_555 H2  A NAG 8  ? ? 2_554 0.00 
68  1 HN2 A NAG 4  ? ? 1_555 HN2 A NAG 8  ? ? 2_554 0.00 
69  1 O3  A GCU 1  ? ? 1_555 O3  A GCU 5  ? ? 2_554 0.00 
70  1 O5  A NAG 2  ? ? 1_555 O5  A NAG 6  ? ? 2_554 0.00 
71  1 H4  A NAG 2  ? ? 1_555 H4  A NAG 6  ? ? 2_554 0.00 
72  1 H83 A NAG 2  ? ? 1_555 H83 A NAG 6  ? ? 2_554 0.00 
73  1 C3  A GCU 3  ? ? 1_555 C3  A GCU 7  ? ? 2_554 0.00 
74  1 H1  A GCU 3  ? ? 1_555 H1  A GCU 7  ? ? 2_554 0.00 
75  1 H3  A GCU 3  ? ? 1_555 H3  A GCU 7  ? ? 2_554 0.00 
76  1 H5  A GCU 3  ? ? 1_555 H5  A GCU 7  ? ? 2_554 0.00 
77  1 C2  A NAG 4  ? ? 1_555 C2  A NAG 8  ? ? 2_554 0.00 
78  1 C3  A NAG 4  ? ? 1_555 C3  A NAG 8  ? ? 2_554 0.00 
79  1 C4  A NAG 4  ? ? 1_555 C4  A NAG 8  ? ? 2_554 0.00 
80  1 H4  A NAG 4  ? ? 1_555 H4  A NAG 8  ? ? 2_554 0.00 
81  1 H61 A NAG 4  ? ? 1_555 H61 A NAG 8  ? ? 2_554 0.00 
82  1 N2  A NAG 2  ? ? 1_555 N2  A NAG 6  ? ? 2_554 0.00 
83  1 C5  A GCU 1  ? ? 1_555 C5  A GCU 5  ? ? 2_554 0.00 
84  1 H5  A NAG 2  ? ? 1_555 H5  A NAG 6  ? ? 2_554 0.00 
85  1 NA  A NA  10 ? ? 1_555 NA  A NA  12 ? ? 2_554 0.00 
86  1 O3  A NAG 4  ? ? 1_555 O3  A NAG 8  ? ? 2_554 0.00 
87  1 O6B A GCU 5  ? ? 1_555 O6B A GCU 7  ? ? 8_556 0.32 
88  1 O6B A GCU 3  ? ? 1_555 O6B A GCU 5  ? ? 7_556 0.32 
89  1 O6B A GCU 1  ? ? 1_555 O6B A GCU 7  ? ? 7_556 0.32 
90  1 O6B A GCU 1  ? ? 1_555 O6B A GCU 3  ? ? 8_555 0.32 
91  1 C2  A GCU 7  ? ? 1_555 HN2 A NAG 8  ? ? 5_556 0.65 
92  1 C2  A GCU 3  ? ? 1_555 HN2 A NAG 8  ? ? 6_446 0.65 
93  1 HN2 A NAG 4  ? ? 1_555 C2  A GCU 7  ? ? 6_456 0.65 
94  1 C2  A GCU 5  ? ? 1_555 HN2 A NAG 6  ? ? 6_456 0.65 
95  1 C2  A GCU 1  ? ? 1_555 HN2 A NAG 6  ? ? 5_545 0.65 
96  1 C2  A GCU 3  ? ? 1_555 HN2 A NAG 4  ? ? 5_445 0.65 
97  1 HN2 A NAG 2  ? ? 1_555 C2  A GCU 5  ? ? 5_445 0.65 
98  1 C2  A GCU 1  ? ? 1_555 HN2 A NAG 2  ? ? 6_545 0.65 
99  1 O3  A GCU 5  ? ? 1_555 O3  A GCU 7  ? ? 8_566 0.66 
100 1 O3  A GCU 3  ? ? 1_555 O3  A GCU 5  ? ? 7_456 0.66 
101 1 O3  A GCU 1  ? ? 1_555 O3  A GCU 7  ? ? 7_546 0.66 
102 1 O3  A GCU 1  ? ? 1_555 O3  A GCU 3  ? ? 8_545 0.66 
103 1 C1  A GCU 1  ? ? 1_555 C7  A NAG 2  ? ? 6_545 0.69 
104 1 C1  A GCU 1  ? ? 1_555 C7  A NAG 6  ? ? 5_545 0.69 
105 1 C1  A GCU 3  ? ? 1_555 C7  A NAG 4  ? ? 5_445 0.69 
106 1 C7  A NAG 2  ? ? 1_555 C1  A GCU 5  ? ? 5_445 0.69 
107 1 C7  A NAG 4  ? ? 1_555 C1  A GCU 7  ? ? 6_456 0.69 
108 1 C1  A GCU 3  ? ? 1_555 C7  A NAG 8  ? ? 6_446 0.69 
109 1 C1  A GCU 5  ? ? 1_555 C7  A NAG 6  ? ? 6_456 0.69 
110 1 C1  A GCU 7  ? ? 1_555 C7  A NAG 8  ? ? 5_556 0.69 
111 1 H3  A GCU 7  ? ? 1_555 H82 A NAG 8  ? ? 5_556 0.70 
112 1 H3  A GCU 5  ? ? 1_555 H82 A NAG 6  ? ? 6_456 0.70 
113 1 H3  A GCU 3  ? ? 1_555 H82 A NAG 8  ? ? 6_446 0.70 
114 1 H82 A NAG 4  ? ? 1_555 H3  A GCU 7  ? ? 6_456 0.70 
115 1 H82 A NAG 2  ? ? 1_555 H3  A GCU 5  ? ? 5_445 0.70 
116 1 H3  A GCU 1  ? ? 1_555 H82 A NAG 6  ? ? 5_545 0.70 
117 1 H3  A GCU 3  ? ? 1_555 H82 A NAG 4  ? ? 5_445 0.70 
118 1 H3  A GCU 1  ? ? 1_555 H82 A NAG 2  ? ? 6_545 0.70 
119 1 H2  A GCU 7  ? ? 1_555 HN2 A NAG 8  ? ? 5_556 0.71 
120 1 H2  A GCU 3  ? ? 1_555 HN2 A NAG 8  ? ? 6_446 0.71 
121 1 H2  A GCU 5  ? ? 1_555 HN2 A NAG 6  ? ? 6_456 0.71 
122 1 HN2 A NAG 4  ? ? 1_555 H2  A GCU 7  ? ? 6_456 0.71 
123 1 H2  A GCU 1  ? ? 1_555 HN2 A NAG 6  ? ? 5_545 0.71 
124 1 H2  A GCU 3  ? ? 1_555 HN2 A NAG 4  ? ? 5_445 0.71 
125 1 HN2 A NAG 2  ? ? 1_555 H2  A GCU 5  ? ? 5_445 0.71 
126 1 H2  A GCU 1  ? ? 1_555 HN2 A NAG 2  ? ? 6_545 0.71 
127 1 C1  A GCU 1  ? ? 1_555 N2  A NAG 2  ? ? 6_545 0.83 
128 1 C1  A GCU 3  ? ? 1_555 N2  A NAG 4  ? ? 5_445 0.83 
129 1 C1  A GCU 1  ? ? 1_555 N2  A NAG 6  ? ? 5_545 0.83 
130 1 N2  A NAG 2  ? ? 1_555 C1  A GCU 5  ? ? 5_445 0.83 
131 1 N2  A NAG 4  ? ? 1_555 C1  A GCU 7  ? ? 6_456 0.83 
132 1 C1  A GCU 3  ? ? 1_555 N2  A NAG 8  ? ? 6_446 0.83 
133 1 C1  A GCU 5  ? ? 1_555 N2  A NAG 6  ? ? 6_456 0.83 
134 1 C1  A GCU 7  ? ? 1_555 N2  A NAG 8  ? ? 5_556 0.83 
135 1 O6  A NAG 2  ? ? 1_555 O6  A NAG 2  ? ? 8_555 0.86 
136 1 O6  A NAG 4  ? ? 1_555 O6  A NAG 4  ? ? 7_556 0.86 
137 1 O6  A NAG 6  ? ? 1_555 O6  A NAG 6  ? ? 8_556 0.86 
138 1 O6  A NAG 8  ? ? 1_555 O6  A NAG 8  ? ? 7_557 0.86 
139 1 C3  A GCU 1  ? ? 1_555 O3  A GCU 3  ? ? 8_545 0.90 
140 1 O3  A GCU 1  ? ? 1_555 C3  A GCU 3  ? ? 8_545 0.90 
141 1 O3  A GCU 3  ? ? 1_555 C3  A GCU 5  ? ? 7_456 0.90 
142 1 C3  A GCU 1  ? ? 1_555 O3  A GCU 7  ? ? 7_546 0.90 
143 1 C3  A GCU 3  ? ? 1_555 O3  A GCU 5  ? ? 7_456 0.90 
144 1 O3  A GCU 1  ? ? 1_555 C3  A GCU 7  ? ? 7_546 0.90 
145 1 C3  A GCU 5  ? ? 1_555 O3  A GCU 7  ? ? 8_566 0.90 
146 1 O3  A GCU 5  ? ? 1_555 C3  A GCU 7  ? ? 8_566 0.90 
147 1 HN2 A NAG 2  ? ? 1_555 N2  A NAG 6  ? ? 2_554 0.95 
148 1 HN2 A NAG 4  ? ? 1_555 N2  A NAG 8  ? ? 2_554 0.95 
149 1 N2  A NAG 2  ? ? 1_555 HN2 A NAG 6  ? ? 2_554 0.95 
150 1 N2  A NAG 4  ? ? 1_555 HN2 A NAG 8  ? ? 2_554 0.95 
151 1 H62 A NAG 4  ? ? 1_555 H1  A GCU 7  ? ? 3_444 0.97 
152 1 H62 A NAG 2  ? ? 1_555 H1  A GCU 5  ? ? 3_544 0.97 
153 1 H1  A GCU 5  ? ? 1_555 H62 A NAG 6  ? ? 3_554 0.97 
154 1 H1  A GCU 1  ? ? 1_555 H62 A NAG 2  ? ? 3_444 0.97 
155 1 H1  A GCU 7  ? ? 1_555 H62 A NAG 8  ? ? 3_544 0.97 
156 1 H1  A GCU 3  ? ? 1_555 H62 A NAG 4  ? ? 3_454 0.97 
157 1 H1  A GCU 1  ? ? 1_555 H62 A NAG 6  ? ? 4_444 0.97 
158 1 H1  A GCU 3  ? ? 1_555 H62 A NAG 8  ? ? 4_454 0.97 
159 1 C2  A NAG 2  ? ? 1_555 O3  A NAG 8  ? ? 6_446 1.00 
160 1 C2  A NAG 6  ? ? 1_555 O3  A NAG 8  ? ? 5_556 1.00 
161 1 O3  A NAG 2  ? ? 1_555 C2  A NAG 4  ? ? 5_445 1.00 
162 1 C2  A NAG 2  ? ? 1_555 O3  A NAG 4  ? ? 5_445 1.00 
163 1 C2  A NAG 4  ? ? 1_555 O3  A NAG 6  ? ? 6_456 1.00 
164 1 O3  A NAG 2  ? ? 1_555 C2  A NAG 8  ? ? 6_446 1.00 
165 1 O3  A NAG 4  ? ? 1_555 C2  A NAG 6  ? ? 6_456 1.00 
166 1 O3  A NAG 6  ? ? 1_555 C2  A NAG 8  ? ? 5_556 1.00 
167 1 O5  A GCU 7  ? ? 1_555 C7  A NAG 8  ? ? 5_556 1.02 
168 1 O5  A GCU 3  ? ? 1_555 C7  A NAG 8  ? ? 6_446 1.02 
169 1 O5  A GCU 5  ? ? 1_555 C7  A NAG 6  ? ? 6_456 1.02 
170 1 C7  A NAG 4  ? ? 1_555 O5  A GCU 7  ? ? 6_456 1.02 
171 1 C7  A NAG 2  ? ? 1_555 O5  A GCU 5  ? ? 5_445 1.02 
172 1 O5  A GCU 3  ? ? 1_555 C7  A NAG 4  ? ? 5_445 1.02 
173 1 O5  A GCU 1  ? ? 1_555 C7  A NAG 6  ? ? 5_545 1.02 
174 1 O5  A GCU 1  ? ? 1_555 C7  A NAG 2  ? ? 6_545 1.02 
175 1 H2  A NAG 2  ? ? 1_555 C4  A NAG 4  ? ? 5_445 1.03 
176 1 C4  A NAG 2  ? ? 1_555 H2  A NAG 4  ? ? 5_445 1.03 
177 1 H2  A NAG 4  ? ? 1_555 C4  A NAG 6  ? ? 6_456 1.03 
178 1 C4  A NAG 4  ? ? 1_555 H2  A NAG 6  ? ? 6_456 1.03 
179 1 C4  A NAG 2  ? ? 1_555 H2  A NAG 8  ? ? 6_446 1.03 
180 1 H2  A NAG 2  ? ? 1_555 C4  A NAG 8  ? ? 6_446 1.03 
181 1 C4  A NAG 6  ? ? 1_555 H2  A NAG 8  ? ? 5_556 1.03 
182 1 H2  A NAG 6  ? ? 1_555 C4  A NAG 8  ? ? 5_556 1.03 
183 1 H1  A GCU 1  ? ? 1_555 C7  A NAG 2  ? ? 6_545 1.06 
184 1 C7  A NAG 2  ? ? 1_555 H1  A GCU 5  ? ? 5_445 1.06 
185 1 H1  A GCU 1  ? ? 1_555 C7  A NAG 6  ? ? 5_545 1.06 
186 1 H1  A GCU 3  ? ? 1_555 C7  A NAG 4  ? ? 5_445 1.06 
187 1 H1  A GCU 5  ? ? 1_555 C7  A NAG 6  ? ? 6_456 1.06 
188 1 H1  A GCU 3  ? ? 1_555 C7  A NAG 8  ? ? 6_446 1.06 
189 1 C7  A NAG 4  ? ? 1_555 H1  A GCU 7  ? ? 6_456 1.06 
190 1 H1  A GCU 7  ? ? 1_555 C7  A NAG 8  ? ? 5_556 1.06 
191 1 C4  A GCU 7  ? ? 1_555 H83 A NAG 8  ? ? 5_556 1.06 
192 1 H83 A NAG 4  ? ? 1_555 C4  A GCU 7  ? ? 6_456 1.06 
193 1 C4  A GCU 3  ? ? 1_555 H83 A NAG 8  ? ? 6_446 1.06 
194 1 C4  A GCU 5  ? ? 1_555 H83 A NAG 6  ? ? 6_456 1.06 
195 1 C4  A GCU 3  ? ? 1_555 H83 A NAG 4  ? ? 5_445 1.06 
196 1 C4  A GCU 1  ? ? 1_555 H83 A NAG 6  ? ? 5_545 1.06 
197 1 H83 A NAG 2  ? ? 1_555 C4  A GCU 5  ? ? 5_445 1.06 
198 1 C4  A GCU 1  ? ? 1_555 H83 A NAG 2  ? ? 6_545 1.06 
199 1 C3  A GCU 7  ? ? 1_555 H82 A NAG 8  ? ? 5_556 1.06 
200 1 C3  A GCU 3  ? ? 1_555 H82 A NAG 8  ? ? 6_446 1.06 
201 1 H82 A NAG 4  ? ? 1_555 C3  A GCU 7  ? ? 6_456 1.06 
202 1 C3  A GCU 5  ? ? 1_555 H82 A NAG 6  ? ? 6_456 1.06 
203 1 C3  A GCU 3  ? ? 1_555 H82 A NAG 4  ? ? 5_445 1.06 
204 1 C3  A GCU 1  ? ? 1_555 H82 A NAG 6  ? ? 5_545 1.06 
205 1 H82 A NAG 2  ? ? 1_555 C3  A GCU 5  ? ? 5_445 1.06 
206 1 C3  A GCU 1  ? ? 1_555 H82 A NAG 2  ? ? 6_545 1.06 
207 1 C5  A GCU 1  ? ? 1_555 H83 A NAG 2  ? ? 6_545 1.06 
208 1 C5  A GCU 3  ? ? 1_555 H83 A NAG 4  ? ? 5_445 1.06 
209 1 C5  A GCU 1  ? ? 1_555 H83 A NAG 6  ? ? 5_545 1.06 
210 1 H83 A NAG 2  ? ? 1_555 C5  A GCU 5  ? ? 5_445 1.06 
211 1 C5  A GCU 3  ? ? 1_555 H83 A NAG 8  ? ? 6_446 1.06 
212 1 H83 A NAG 4  ? ? 1_555 C5  A GCU 7  ? ? 6_456 1.06 
213 1 C5  A GCU 5  ? ? 1_555 H83 A NAG 6  ? ? 6_456 1.06 
214 1 C5  A GCU 7  ? ? 1_555 H83 A NAG 8  ? ? 5_556 1.06 
215 1 H2  A GCU 7  ? ? 1_555 NA  A NA  9  ? ? 3_555 1.07 
216 1 H2  A GCU 3  ? ? 1_555 NA  A NA  9  ? ? 4_445 1.07 
217 1 H2  A GCU 5  ? ? 1_555 NA  A NA  10 ? ? 4_455 1.07 
218 1 H2  A GCU 7  ? ? 1_555 NA  A NA  11 ? ? 4_555 1.07 
219 1 H2  A GCU 3  ? ? 1_555 NA  A NA  11 ? ? 3_444 1.07 
220 1 H2  A GCU 1  ? ? 1_555 NA  A NA  10 ? ? 3_544 1.07 
221 1 H2  A GCU 5  ? ? 1_555 NA  A NA  12 ? ? 3_454 1.07 
222 1 H2  A GCU 1  ? ? 1_555 NA  A NA  12 ? ? 4_544 1.07 
223 1 H2  A NAG 4  ? ? 1_555 C2  A NAG 8  ? ? 2_554 1.10 
224 1 H2  A NAG 2  ? ? 1_555 C2  A NAG 6  ? ? 2_554 1.10 
225 1 C2  A NAG 4  ? ? 1_555 H2  A NAG 8  ? ? 2_554 1.10 
226 1 C2  A NAG 2  ? ? 1_555 H2  A NAG 6  ? ? 2_554 1.10 
227 1 H5  A GCU 1  ? ? 1_555 C5  A GCU 5  ? ? 2_554 1.10 
228 1 H5  A GCU 3  ? ? 1_555 C5  A GCU 7  ? ? 2_554 1.10 
229 1 C5  A GCU 1  ? ? 1_555 H5  A GCU 5  ? ? 2_554 1.10 
230 1 C5  A GCU 3  ? ? 1_555 H5  A GCU 7  ? ? 2_554 1.10 
231 1 H82 A NAG 2  ? ? 1_555 C8  A NAG 6  ? ? 2_554 1.10 
232 1 H82 A NAG 4  ? ? 1_555 C8  A NAG 8  ? ? 2_554 1.10 
233 1 C8  A NAG 2  ? ? 1_555 H82 A NAG 6  ? ? 2_554 1.10 
234 1 C8  A NAG 4  ? ? 1_555 H82 A NAG 8  ? ? 2_554 1.10 
235 1 H83 A NAG 2  ? ? 1_555 C8  A NAG 6  ? ? 2_554 1.10 
236 1 H83 A NAG 4  ? ? 1_555 C8  A NAG 8  ? ? 2_554 1.10 
237 1 C8  A NAG 4  ? ? 1_555 H83 A NAG 8  ? ? 2_554 1.10 
238 1 C8  A NAG 2  ? ? 1_555 H83 A NAG 6  ? ? 2_554 1.10 
239 1 H62 A NAG 2  ? ? 1_555 C6  A NAG 6  ? ? 2_554 1.10 
240 1 H62 A NAG 4  ? ? 1_555 C6  A NAG 8  ? ? 2_554 1.10 
241 1 C6  A NAG 2  ? ? 1_555 H62 A NAG 6  ? ? 2_554 1.10 
242 1 C6  A NAG 4  ? ? 1_555 H62 A NAG 8  ? ? 2_554 1.10 
243 1 C4  A GCU 1  ? ? 1_555 H4  A GCU 5  ? ? 2_554 1.10 
244 1 C4  A GCU 3  ? ? 1_555 H4  A GCU 7  ? ? 2_554 1.10 
245 1 H4  A GCU 3  ? ? 1_555 C4  A GCU 7  ? ? 2_554 1.10 
246 1 H4  A GCU 1  ? ? 1_555 C4  A GCU 5  ? ? 2_554 1.10 
247 1 H4  A NAG 4  ? ? 1_555 C4  A NAG 8  ? ? 2_554 1.10 
248 1 H4  A NAG 2  ? ? 1_555 C4  A NAG 6  ? ? 2_554 1.10 
249 1 C4  A NAG 4  ? ? 1_555 H4  A NAG 8  ? ? 2_554 1.10 
250 1 C4  A NAG 2  ? ? 1_555 H4  A NAG 6  ? ? 2_554 1.10 
251 1 C2  A GCU 3  ? ? 1_555 H2  A GCU 7  ? ? 2_554 1.10 
252 1 C2  A GCU 1  ? ? 1_555 H2  A GCU 5  ? ? 2_554 1.10 
253 1 H2  A GCU 3  ? ? 1_555 C2  A GCU 7  ? ? 2_554 1.10 
254 1 H2  A GCU 1  ? ? 1_555 C2  A GCU 5  ? ? 2_554 1.10 
255 1 C6  A NAG 4  ? ? 1_555 H61 A NAG 8  ? ? 2_554 1.10 
256 1 C6  A NAG 2  ? ? 1_555 H61 A NAG 6  ? ? 2_554 1.10 
257 1 H61 A NAG 4  ? ? 1_555 C6  A NAG 8  ? ? 2_554 1.10 
258 1 H61 A NAG 2  ? ? 1_555 C6  A NAG 6  ? ? 2_554 1.10 
259 1 C1  A NAG 2  ? ? 1_555 H1  A NAG 6  ? ? 2_554 1.10 
260 1 C1  A NAG 4  ? ? 1_555 H1  A NAG 8  ? ? 2_554 1.10 
261 1 H1  A NAG 4  ? ? 1_555 C1  A NAG 8  ? ? 2_554 1.10 
262 1 H1  A NAG 2  ? ? 1_555 C1  A NAG 6  ? ? 2_554 1.10 
263 1 H1  A GCU 1  ? ? 1_555 C1  A GCU 5  ? ? 2_554 1.10 
264 1 H1  A GCU 3  ? ? 1_555 C1  A GCU 7  ? ? 2_554 1.10 
265 1 C1  A GCU 1  ? ? 1_555 H1  A GCU 5  ? ? 2_554 1.10 
266 1 C1  A GCU 3  ? ? 1_555 H1  A GCU 7  ? ? 2_554 1.10 
267 1 C3  A NAG 4  ? ? 1_555 H3  A NAG 8  ? ? 2_554 1.10 
268 1 C3  A NAG 2  ? ? 1_555 H3  A NAG 6  ? ? 2_554 1.10 
269 1 H3  A NAG 2  ? ? 1_555 C3  A NAG 6  ? ? 2_554 1.10 
270 1 H3  A NAG 4  ? ? 1_555 C3  A NAG 8  ? ? 2_554 1.10 
271 1 H3  A GCU 3  ? ? 1_555 C3  A GCU 7  ? ? 2_554 1.10 
272 1 H3  A GCU 1  ? ? 1_555 C3  A GCU 5  ? ? 2_554 1.10 
273 1 C3  A GCU 1  ? ? 1_555 H3  A GCU 5  ? ? 2_554 1.10 
274 1 C3  A GCU 3  ? ? 1_555 H3  A GCU 7  ? ? 2_554 1.10 
275 1 C8  A NAG 4  ? ? 1_555 H81 A NAG 8  ? ? 2_554 1.10 
276 1 C8  A NAG 2  ? ? 1_555 H81 A NAG 6  ? ? 2_554 1.10 
277 1 H81 A NAG 4  ? ? 1_555 C8  A NAG 8  ? ? 2_554 1.10 
278 1 H81 A NAG 2  ? ? 1_555 C8  A NAG 6  ? ? 2_554 1.10 
279 1 C5  A NAG 2  ? ? 1_555 H5  A NAG 6  ? ? 2_554 1.10 
280 1 C5  A NAG 4  ? ? 1_555 H5  A NAG 8  ? ? 2_554 1.10 
281 1 H5  A NAG 4  ? ? 1_555 C5  A NAG 8  ? ? 2_554 1.10 
282 1 H5  A NAG 2  ? ? 1_555 C5  A NAG 6  ? ? 2_554 1.10 
283 1 C6  A GCU 5  ? ? 1_555 O6B A GCU 7  ? ? 8_556 1.14 
284 1 O6B A GCU 5  ? ? 1_555 C6  A GCU 7  ? ? 8_556 1.14 
285 1 O6B A GCU 3  ? ? 1_555 C6  A GCU 5  ? ? 7_556 1.14 
286 1 O6B A GCU 1  ? ? 1_555 C6  A GCU 7  ? ? 7_556 1.14 
287 1 C6  A GCU 3  ? ? 1_555 O6B A GCU 5  ? ? 7_556 1.14 
288 1 C6  A GCU 1  ? ? 1_555 O6B A GCU 7  ? ? 7_556 1.14 
289 1 O6B A GCU 1  ? ? 1_555 C6  A GCU 3  ? ? 8_555 1.14 
290 1 C6  A GCU 1  ? ? 1_555 O6B A GCU 3  ? ? 8_555 1.14 
291 1 H5  A GCU 1  ? ? 1_555 H83 A NAG 2  ? ? 6_545 1.18 
292 1 H5  A GCU 3  ? ? 1_555 H83 A NAG 4  ? ? 5_445 1.18 
293 1 H5  A GCU 1  ? ? 1_555 H83 A NAG 6  ? ? 5_545 1.18 
294 1 H83 A NAG 2  ? ? 1_555 H5  A GCU 5  ? ? 5_445 1.18 
295 1 H5  A GCU 3  ? ? 1_555 H83 A NAG 8  ? ? 6_446 1.18 
296 1 H83 A NAG 4  ? ? 1_555 H5  A GCU 7  ? ? 6_456 1.18 
297 1 H5  A GCU 5  ? ? 1_555 H83 A NAG 6  ? ? 6_456 1.18 
298 1 H5  A GCU 7  ? ? 1_555 H83 A NAG 8  ? ? 5_556 1.18 
299 1 H5  A NAG 8  ? ? 1_555 H5  A NAG 8  ? ? 7_557 1.22 
300 1 H5  A NAG 6  ? ? 1_555 H5  A NAG 6  ? ? 8_556 1.22 
301 1 H5  A NAG 4  ? ? 1_555 H5  A NAG 4  ? ? 7_556 1.22 
302 1 H5  A NAG 2  ? ? 1_555 H5  A NAG 2  ? ? 8_555 1.22 
303 1 C7  A NAG 2  ? ? 1_555 O7  A NAG 6  ? ? 2_554 1.22 
304 1 C7  A NAG 4  ? ? 1_555 O7  A NAG 8  ? ? 2_554 1.22 
305 1 O7  A NAG 4  ? ? 1_555 C7  A NAG 8  ? ? 2_554 1.22 
306 1 O7  A NAG 2  ? ? 1_555 C7  A NAG 6  ? ? 2_554 1.22 
307 1 N2  A NAG 2  ? ? 1_555 O3  A NAG 8  ? ? 6_446 1.23 
308 1 N2  A NAG 6  ? ? 1_555 O3  A NAG 8  ? ? 5_556 1.23 
309 1 O3  A NAG 2  ? ? 1_555 N2  A NAG 4  ? ? 5_445 1.23 
310 1 N2  A NAG 2  ? ? 1_555 O3  A NAG 4  ? ? 5_445 1.23 
311 1 N2  A NAG 4  ? ? 1_555 O3  A NAG 6  ? ? 6_456 1.23 
312 1 O3  A NAG 2  ? ? 1_555 N2  A NAG 8  ? ? 6_446 1.23 
313 1 O3  A NAG 4  ? ? 1_555 N2  A NAG 6  ? ? 6_456 1.23 
314 1 O3  A NAG 6  ? ? 1_555 N2  A NAG 8  ? ? 5_556 1.23 
315 1 C6  A GCU 1  ? ? 1_555 O6B A GCU 5  ? ? 2_554 1.25 
316 1 C6  A GCU 3  ? ? 1_555 O6B A GCU 7  ? ? 2_554 1.25 
317 1 O6B A GCU 3  ? ? 1_555 C6  A GCU 7  ? ? 2_554 1.25 
318 1 O6B A GCU 1  ? ? 1_555 C6  A GCU 5  ? ? 2_554 1.25 
319 1 C6  A GCU 3  ? ? 1_555 O6A A GCU 7  ? ? 2_554 1.25 
320 1 C6  A GCU 1  ? ? 1_555 O6A A GCU 5  ? ? 2_554 1.25 
321 1 O6A A GCU 3  ? ? 1_555 C6  A GCU 7  ? ? 2_554 1.25 
322 1 O6A A GCU 1  ? ? 1_555 C6  A GCU 5  ? ? 2_554 1.25 
323 1 H61 A NAG 4  ? ? 1_555 H5  A GCU 7  ? ? 3_444 1.28 
324 1 H61 A NAG 2  ? ? 1_555 H5  A GCU 5  ? ? 3_544 1.28 
325 1 H5  A GCU 5  ? ? 1_555 H61 A NAG 6  ? ? 3_554 1.28 
326 1 H5  A GCU 3  ? ? 1_555 H61 A NAG 4  ? ? 3_454 1.28 
327 1 H5  A GCU 1  ? ? 1_555 H61 A NAG 2  ? ? 3_444 1.28 
328 1 H5  A GCU 7  ? ? 1_555 H61 A NAG 8  ? ? 3_544 1.28 
329 1 H5  A GCU 1  ? ? 1_555 H61 A NAG 6  ? ? 4_444 1.28 
330 1 H5  A GCU 3  ? ? 1_555 H61 A NAG 8  ? ? 4_454 1.28 
331 1 O6A A GCU 1  ? ? 1_555 H2  A GCU 1  ? ? 6_445 1.28 
332 1 O6A A GCU 1  ? ? 1_555 H2  A GCU 5  ? ? 5_445 1.28 
333 1 H2  A GCU 1  ? ? 1_555 O6A A GCU 5  ? ? 5_545 1.28 
334 1 O6A A GCU 3  ? ? 1_555 H2  A GCU 3  ? ? 5_455 1.28 
335 1 O6A A GCU 3  ? ? 1_555 H2  A GCU 7  ? ? 6_456 1.28 
336 1 O6A A GCU 5  ? ? 1_555 H2  A GCU 5  ? ? 6_556 1.28 
337 1 H2  A GCU 3  ? ? 1_555 O6A A GCU 7  ? ? 6_446 1.28 
338 1 O6A A GCU 7  ? ? 1_555 H2  A GCU 7  ? ? 5_546 1.28 
339 1 H2  A NAG 6  ? ? 1_555 O4  A NAG 8  ? ? 5_556 1.30 
340 1 O4  A NAG 6  ? ? 1_555 H2  A NAG 8  ? ? 5_556 1.30 
341 1 O4  A NAG 4  ? ? 1_555 H2  A NAG 6  ? ? 6_456 1.30 
342 1 O4  A NAG 2  ? ? 1_555 H2  A NAG 8  ? ? 6_446 1.30 
343 1 H2  A NAG 2  ? ? 1_555 O4  A NAG 8  ? ? 6_446 1.30 
344 1 H2  A NAG 4  ? ? 1_555 O4  A NAG 6  ? ? 6_456 1.30 
345 1 O4  A NAG 2  ? ? 1_555 H2  A NAG 4  ? ? 5_445 1.30 
346 1 H2  A NAG 2  ? ? 1_555 O4  A NAG 4  ? ? 5_445 1.30 
347 1 C2  A GCU 7  ? ? 1_555 N2  A NAG 8  ? ? 5_556 1.31 
348 1 N2  A NAG 4  ? ? 1_555 C2  A GCU 7  ? ? 6_456 1.31 
349 1 C2  A GCU 3  ? ? 1_555 N2  A NAG 8  ? ? 6_446 1.31 
350 1 C2  A GCU 5  ? ? 1_555 N2  A NAG 6  ? ? 6_456 1.31 
351 1 C2  A GCU 1  ? ? 1_555 N2  A NAG 6  ? ? 5_545 1.31 
352 1 C2  A GCU 3  ? ? 1_555 N2  A NAG 4  ? ? 5_445 1.31 
353 1 N2  A NAG 2  ? ? 1_555 C2  A GCU 5  ? ? 5_445 1.31 
354 1 C2  A GCU 1  ? ? 1_555 N2  A NAG 2  ? ? 6_545 1.31 
355 1 HN2 A NAG 8  ? ? 1_555 NA  A NA  11 ? ? 8_556 1.31 
356 1 HN2 A NAG 6  ? ? 1_555 NA  A NA  12 ? ? 8_556 1.31 
357 1 HN2 A NAG 2  ? ? 1_555 NA  A NA  12 ? ? 7_556 1.31 
358 1 HN2 A NAG 8  ? ? 1_555 NA  A NA  9  ? ? 7_556 1.31 
359 1 HN2 A NAG 4  ? ? 1_555 NA  A NA  11 ? ? 7_556 1.31 
360 1 HN2 A NAG 6  ? ? 1_555 NA  A NA  10 ? ? 7_556 1.31 
361 1 HN2 A NAG 2  ? ? 1_555 NA  A NA  10 ? ? 8_555 1.31 
362 1 HN2 A NAG 4  ? ? 1_555 NA  A NA  9  ? ? 8_555 1.31 
363 1 O3  A NAG 6  ? ? 1_555 C3  A NAG 8  ? ? 5_556 1.32 
364 1 O3  A NAG 2  ? ? 1_555 C3  A NAG 8  ? ? 6_446 1.32 
365 1 O3  A NAG 4  ? ? 1_555 C3  A NAG 6  ? ? 6_456 1.32 
366 1 C3  A NAG 4  ? ? 1_555 O3  A NAG 6  ? ? 6_456 1.32 
367 1 C3  A NAG 2  ? ? 1_555 O3  A NAG 4  ? ? 5_445 1.32 
368 1 O3  A NAG 2  ? ? 1_555 C3  A NAG 4  ? ? 5_445 1.32 
369 1 C3  A NAG 6  ? ? 1_555 O3  A NAG 8  ? ? 5_556 1.32 
370 1 C3  A NAG 2  ? ? 1_555 O3  A NAG 8  ? ? 6_446 1.32 
371 1 O7  A NAG 2  ? ? 1_555 H3  A NAG 4  ? ? 5_445 1.36 
372 1 H3  A NAG 2  ? ? 1_555 O7  A NAG 4  ? ? 5_445 1.36 
373 1 H3  A NAG 4  ? ? 1_555 O7  A NAG 6  ? ? 6_456 1.36 
374 1 O7  A NAG 4  ? ? 1_555 H3  A NAG 6  ? ? 6_456 1.36 
375 1 O7  A NAG 2  ? ? 1_555 H3  A NAG 8  ? ? 6_446 1.36 
376 1 H3  A NAG 2  ? ? 1_555 O7  A NAG 8  ? ? 6_446 1.36 
377 1 O7  A NAG 6  ? ? 1_555 H3  A NAG 8  ? ? 5_556 1.36 
378 1 H3  A NAG 6  ? ? 1_555 O7  A NAG 8  ? ? 5_556 1.36 
379 1 H5  A GCU 7  ? ? 1_555 C8  A NAG 8  ? ? 5_556 1.37 
380 1 H5  A GCU 5  ? ? 1_555 C8  A NAG 6  ? ? 6_456 1.37 
381 1 C8  A NAG 4  ? ? 1_555 H5  A GCU 7  ? ? 6_456 1.37 
382 1 H5  A GCU 3  ? ? 1_555 C8  A NAG 8  ? ? 6_446 1.37 
383 1 H5  A GCU 1  ? ? 1_555 C8  A NAG 6  ? ? 5_545 1.37 
384 1 C8  A NAG 2  ? ? 1_555 H5  A GCU 5  ? ? 5_445 1.37 
385 1 H5  A GCU 3  ? ? 1_555 C8  A NAG 4  ? ? 5_445 1.37 
386 1 H5  A GCU 1  ? ? 1_555 C8  A NAG 2  ? ? 6_545 1.37 
387 1 N2  A NAG 4  ? ? 1_555 C7  A NAG 8  ? ? 2_554 1.38 
388 1 N2  A NAG 2  ? ? 1_555 C7  A NAG 6  ? ? 2_554 1.38 
389 1 C7  A NAG 4  ? ? 1_555 N2  A NAG 8  ? ? 2_554 1.38 
390 1 C7  A NAG 2  ? ? 1_555 N2  A NAG 6  ? ? 2_554 1.38 
391 1 C1  A GCU 5  ? ? 1_555 O3  A NAG 8  ? ? 2_554 1.39 
392 1 C1  A GCU 1  ? ? 1_555 O3  A NAG 8  ? ? 1_554 1.39 
393 1 O4  A GCU 1  ? ? 1_555 C1  A NAG 6  ? ? 2_554 1.39 
394 1 O4  A GCU 3  ? ? 1_555 C1  A NAG 8  ? ? 2_554 1.39 
395 1 C1  A NAG 4  ? ? 1_555 O4  A GCU 7  ? ? 2_554 1.39 
396 1 C1  A NAG 2  ? ? 1_555 O4  A GCU 5  ? ? 2_554 1.39 
397 1 O3  A NAG 2  ? ? 1_555 C1  A GCU 7  ? ? 2_554 1.39 
398 1 C1  A GCU 3  ? ? 1_555 O3  A NAG 6  ? ? 2_554 1.39 
399 1 C1  A GCU 1  ? ? 1_555 O3  A NAG 4  ? ? 2_554 1.39 
400 1 C3  A NAG 2  ? ? 1_555 H2  A NAG 4  ? ? 5_445 1.39 
401 1 H2  A NAG 2  ? ? 1_555 C3  A NAG 4  ? ? 5_445 1.39 
402 1 H2  A NAG 4  ? ? 1_555 C3  A NAG 6  ? ? 6_456 1.39 
403 1 C3  A NAG 2  ? ? 1_555 H2  A NAG 8  ? ? 6_446 1.39 
404 1 C3  A NAG 4  ? ? 1_555 H2  A NAG 6  ? ? 6_456 1.39 
405 1 H2  A NAG 2  ? ? 1_555 C3  A NAG 8  ? ? 6_446 1.39 
406 1 C3  A NAG 6  ? ? 1_555 H2  A NAG 8  ? ? 5_556 1.39 
407 1 H2  A NAG 6  ? ? 1_555 C3  A NAG 8  ? ? 5_556 1.39 
408 1 O2  A GCU 1  ? ? 1_555 C2  A GCU 5  ? ? 2_554 1.42 
409 1 O2  A GCU 3  ? ? 1_555 C2  A GCU 7  ? ? 2_554 1.42 
410 1 C2  A GCU 1  ? ? 1_555 O2  A GCU 5  ? ? 2_554 1.42 
411 1 C2  A GCU 3  ? ? 1_555 O2  A GCU 7  ? ? 2_554 1.42 
412 1 C4  A NAG 4  ? ? 1_555 O4  A NAG 8  ? ? 2_554 1.43 
413 1 C4  A NAG 2  ? ? 1_555 O4  A NAG 6  ? ? 2_554 1.43 
414 1 O4  A NAG 2  ? ? 1_555 C4  A NAG 6  ? ? 2_554 1.43 
415 1 O4  A NAG 4  ? ? 1_555 C4  A NAG 8  ? ? 2_554 1.43 
416 1 C4  A GCU 1  ? ? 1_555 O4  A GCU 5  ? ? 2_554 1.43 
417 1 C4  A GCU 3  ? ? 1_555 O4  A GCU 7  ? ? 2_554 1.43 
418 1 O4  A GCU 3  ? ? 1_555 C4  A GCU 7  ? ? 2_554 1.43 
419 1 O4  A GCU 1  ? ? 1_555 C4  A GCU 5  ? ? 2_554 1.43 
420 1 O6  A NAG 2  ? ? 1_555 C6  A NAG 6  ? ? 2_554 1.43 
421 1 O6  A NAG 4  ? ? 1_555 C6  A NAG 8  ? ? 2_554 1.43 
422 1 C6  A NAG 2  ? ? 1_555 O6  A NAG 6  ? ? 2_554 1.43 
423 1 C6  A NAG 4  ? ? 1_555 O6  A NAG 8  ? ? 2_554 1.43 
424 1 C3  A GCU 1  ? ? 1_555 O3  A GCU 5  ? ? 2_554 1.43 
425 1 C3  A GCU 3  ? ? 1_555 O3  A GCU 7  ? ? 2_554 1.43 
426 1 O3  A GCU 1  ? ? 1_555 C3  A GCU 5  ? ? 2_554 1.43 
427 1 O3  A GCU 3  ? ? 1_555 C3  A GCU 7  ? ? 2_554 1.43 
428 1 C1  A GCU 1  ? ? 1_555 O5  A GCU 5  ? ? 2_554 1.43 
429 1 C1  A GCU 3  ? ? 1_555 O5  A GCU 7  ? ? 2_554 1.43 
430 1 O5  A GCU 3  ? ? 1_555 C1  A GCU 7  ? ? 2_554 1.43 
431 1 O5  A GCU 1  ? ? 1_555 C1  A GCU 5  ? ? 2_554 1.43 
432 1 C3  A NAG 2  ? ? 1_555 O3  A NAG 6  ? ? 2_554 1.43 
433 1 O3  A NAG 2  ? ? 1_555 C3  A NAG 6  ? ? 2_554 1.43 
434 1 O3  A NAG 4  ? ? 1_555 C3  A NAG 8  ? ? 2_554 1.43 
435 1 C1  A NAG 2  ? ? 1_555 O5  A NAG 6  ? ? 2_554 1.43 
436 1 C1  A NAG 4  ? ? 1_555 O5  A NAG 8  ? ? 2_554 1.43 
437 1 O5  A NAG 4  ? ? 1_555 C1  A NAG 8  ? ? 2_554 1.43 
438 1 O5  A NAG 2  ? ? 1_555 C1  A NAG 6  ? ? 2_554 1.43 
439 1 C3  A NAG 4  ? ? 1_555 O3  A NAG 8  ? ? 2_554 1.43 
440 1 O5  A NAG 2  ? ? 1_555 C5  A NAG 6  ? ? 2_554 1.44 
441 1 O5  A NAG 4  ? ? 1_555 C5  A NAG 8  ? ? 2_554 1.44 
442 1 C5  A NAG 4  ? ? 1_555 O5  A NAG 8  ? ? 2_554 1.44 
443 1 C5  A NAG 2  ? ? 1_555 O5  A NAG 6  ? ? 2_554 1.44 
444 1 O5  A GCU 1  ? ? 1_555 C5  A GCU 5  ? ? 2_554 1.44 
445 1 O5  A GCU 3  ? ? 1_555 C5  A GCU 7  ? ? 2_554 1.44 
446 1 C5  A GCU 1  ? ? 1_555 O5  A GCU 5  ? ? 2_554 1.44 
447 1 C5  A GCU 3  ? ? 1_555 O5  A GCU 7  ? ? 2_554 1.44 
448 1 O5  A GCU 7  ? ? 1_555 O7  A NAG 8  ? ? 5_556 1.44 
449 1 O5  A GCU 3  ? ? 1_555 O7  A NAG 8  ? ? 6_446 1.44 
450 1 O5  A GCU 5  ? ? 1_555 O7  A NAG 6  ? ? 6_456 1.44 
451 1 O7  A NAG 4  ? ? 1_555 O5  A GCU 7  ? ? 6_456 1.44 
452 1 O7  A NAG 2  ? ? 1_555 O5  A GCU 5  ? ? 5_445 1.44 
453 1 O5  A GCU 3  ? ? 1_555 O7  A NAG 4  ? ? 5_445 1.44 
454 1 O5  A GCU 1  ? ? 1_555 O7  A NAG 6  ? ? 5_545 1.44 
455 1 O5  A GCU 1  ? ? 1_555 O7  A NAG 2  ? ? 6_545 1.44 
456 1 H3  A GCU 7  ? ? 1_555 C8  A NAG 8  ? ? 5_556 1.48 
457 1 H3  A GCU 5  ? ? 1_555 C8  A NAG 6  ? ? 6_456 1.48 
458 1 C8  A NAG 4  ? ? 1_555 H3  A GCU 7  ? ? 6_456 1.48 
459 1 H3  A GCU 3  ? ? 1_555 C8  A NAG 8  ? ? 6_446 1.48 
460 1 C8  A NAG 2  ? ? 1_555 H3  A GCU 5  ? ? 5_445 1.48 
461 1 H3  A GCU 1  ? ? 1_555 C8  A NAG 6  ? ? 5_545 1.48 
462 1 H3  A GCU 3  ? ? 1_555 C8  A NAG 4  ? ? 5_445 1.48 
463 1 H3  A GCU 1  ? ? 1_555 C8  A NAG 2  ? ? 6_545 1.48 
464 1 N2  A NAG 4  ? ? 1_555 C2  A NAG 8  ? ? 2_554 1.48 
465 1 N2  A NAG 2  ? ? 1_555 C2  A NAG 6  ? ? 2_554 1.48 
466 1 C2  A NAG 4  ? ? 1_555 N2  A NAG 8  ? ? 2_554 1.48 
467 1 C2  A NAG 2  ? ? 1_555 N2  A NAG 6  ? ? 2_554 1.48 
468 1 C1  A GCU 1  ? ? 1_555 HN2 A NAG 2  ? ? 6_545 1.51 
469 1 C1  A GCU 3  ? ? 1_555 HN2 A NAG 4  ? ? 5_445 1.51 
470 1 C1  A GCU 1  ? ? 1_555 HN2 A NAG 6  ? ? 5_545 1.51 
471 1 HN2 A NAG 2  ? ? 1_555 C1  A GCU 5  ? ? 5_445 1.51 
472 1 C1  A GCU 3  ? ? 1_555 HN2 A NAG 8  ? ? 6_446 1.51 
473 1 HN2 A NAG 4  ? ? 1_555 C1  A GCU 7  ? ? 6_456 1.51 
474 1 C1  A GCU 5  ? ? 1_555 HN2 A NAG 6  ? ? 6_456 1.51 
475 1 C1  A GCU 7  ? ? 1_555 HN2 A NAG 8  ? ? 5_556 1.51 
476 1 C8  A NAG 2  ? ? 1_555 C7  A NAG 6  ? ? 2_554 1.51 
477 1 C8  A NAG 4  ? ? 1_555 C7  A NAG 8  ? ? 2_554 1.51 
478 1 C7  A NAG 4  ? ? 1_555 C8  A NAG 8  ? ? 2_554 1.51 
479 1 C7  A NAG 2  ? ? 1_555 C8  A NAG 6  ? ? 2_554 1.51 
480 1 O6A A GCU 1  ? ? 1_555 NA  A NA  10 ? ? 8_555 1.51 
481 1 O6A A GCU 3  ? ? 1_555 NA  A NA  9  ? ? 8_555 1.51 
482 1 O6A A GCU 7  ? ? 1_555 NA  A NA  9  ? ? 7_556 1.51 
483 1 O6A A GCU 3  ? ? 1_555 NA  A NA  11 ? ? 7_556 1.51 
484 1 O6A A GCU 1  ? ? 1_555 NA  A NA  12 ? ? 7_556 1.51 
485 1 O6A A GCU 5  ? ? 1_555 NA  A NA  10 ? ? 7_556 1.51 
486 1 O6A A GCU 7  ? ? 1_555 NA  A NA  11 ? ? 8_556 1.51 
487 1 O6A A GCU 5  ? ? 1_555 NA  A NA  12 ? ? 8_556 1.51 
488 1 C5  A GCU 3  ? ? 1_555 C6  A GCU 7  ? ? 2_554 1.51 
489 1 C5  A GCU 1  ? ? 1_555 C6  A GCU 5  ? ? 2_554 1.51 
490 1 C6  A GCU 3  ? ? 1_555 C5  A GCU 7  ? ? 2_554 1.51 
491 1 C6  A GCU 1  ? ? 1_555 C5  A GCU 5  ? ? 2_554 1.51 
492 1 C5  A NAG 2  ? ? 1_555 C6  A NAG 6  ? ? 2_554 1.51 
493 1 C5  A NAG 4  ? ? 1_555 C6  A NAG 8  ? ? 2_554 1.51 
494 1 C6  A NAG 4  ? ? 1_555 C5  A NAG 8  ? ? 2_554 1.51 
495 1 C6  A NAG 2  ? ? 1_555 C5  A NAG 6  ? ? 2_554 1.51 
496 1 H2  A GCU 7  ? ? 1_555 N2  A NAG 8  ? ? 5_556 1.52 
497 1 H2  A GCU 3  ? ? 1_555 N2  A NAG 8  ? ? 6_446 1.52 
498 1 H2  A GCU 5  ? ? 1_555 N2  A NAG 6  ? ? 6_456 1.52 
499 1 N2  A NAG 4  ? ? 1_555 H2  A GCU 7  ? ? 6_456 1.52 
500 1 H2  A GCU 1  ? ? 1_555 N2  A NAG 6  ? ? 5_545 1.52 
501 1 H2  A GCU 3  ? ? 1_555 N2  A NAG 4  ? ? 5_445 1.52 
502 1 N2  A NAG 2  ? ? 1_555 H2  A GCU 5  ? ? 5_445 1.52 
503 1 H2  A GCU 1  ? ? 1_555 N2  A NAG 2  ? ? 6_545 1.52 
504 1 C2  A GCU 3  ? ? 1_555 C3  A GCU 7  ? ? 2_554 1.52 
505 1 C2  A GCU 1  ? ? 1_555 C3  A GCU 5  ? ? 2_554 1.52 
506 1 C3  A GCU 3  ? ? 1_555 C2  A GCU 7  ? ? 2_554 1.52 
507 1 C3  A GCU 1  ? ? 1_555 C2  A GCU 5  ? ? 2_554 1.52 
508 1 C2  A NAG 4  ? ? 1_555 C3  A NAG 8  ? ? 2_554 1.52 
509 1 C2  A NAG 2  ? ? 1_555 C3  A NAG 6  ? ? 2_554 1.52 
510 1 C3  A NAG 2  ? ? 1_555 C2  A NAG 6  ? ? 2_554 1.52 
511 1 C3  A NAG 4  ? ? 1_555 C2  A NAG 8  ? ? 2_554 1.52 
512 1 C3  A NAG 4  ? ? 1_555 C4  A NAG 8  ? ? 2_554 1.52 
513 1 C3  A NAG 2  ? ? 1_555 C4  A NAG 6  ? ? 2_554 1.52 
514 1 C4  A NAG 2  ? ? 1_555 C3  A NAG 6  ? ? 2_554 1.52 
515 1 C4  A NAG 4  ? ? 1_555 C3  A NAG 8  ? ? 2_554 1.52 
516 1 C1  A NAG 4  ? ? 1_555 C2  A NAG 8  ? ? 2_554 1.52 
517 1 C1  A NAG 2  ? ? 1_555 C2  A NAG 6  ? ? 2_554 1.52 
518 1 C2  A NAG 4  ? ? 1_555 C1  A NAG 8  ? ? 2_554 1.52 
519 1 C2  A NAG 2  ? ? 1_555 C1  A NAG 6  ? ? 2_554 1.52 
520 1 C3  A GCU 1  ? ? 1_555 C4  A GCU 5  ? ? 2_554 1.52 
521 1 C3  A GCU 3  ? ? 1_555 C4  A GCU 7  ? ? 2_554 1.52 
522 1 C4  A GCU 1  ? ? 1_555 C3  A GCU 5  ? ? 2_554 1.52 
523 1 C4  A GCU 3  ? ? 1_555 C3  A GCU 7  ? ? 2_554 1.52 
524 1 C1  A GCU 1  ? ? 1_555 C2  A GCU 5  ? ? 2_554 1.52 
525 1 C1  A GCU 3  ? ? 1_555 C2  A GCU 7  ? ? 2_554 1.52 
526 1 C2  A GCU 3  ? ? 1_555 C1  A GCU 7  ? ? 2_554 1.52 
527 1 C2  A GCU 1  ? ? 1_555 C1  A GCU 5  ? ? 2_554 1.52 
528 1 C5  A GCU 1  ? ? 1_555 C4  A GCU 5  ? ? 2_554 1.53 
529 1 C5  A GCU 3  ? ? 1_555 C4  A GCU 7  ? ? 2_554 1.53 
530 1 C4  A GCU 3  ? ? 1_555 C5  A GCU 7  ? ? 2_554 1.53 
531 1 C4  A GCU 1  ? ? 1_555 C5  A GCU 5  ? ? 2_554 1.53 
532 1 C5  A NAG 4  ? ? 1_555 C4  A NAG 8  ? ? 2_554 1.53 
533 1 C5  A NAG 2  ? ? 1_555 C4  A NAG 6  ? ? 2_554 1.53 
534 1 C4  A NAG 2  ? ? 1_555 C5  A NAG 6  ? ? 2_554 1.53 
535 1 C4  A NAG 4  ? ? 1_555 C5  A NAG 8  ? ? 2_554 1.53 
536 1 C6  A GCU 1  ? ? 1_555 C6  A GCU 3  ? ? 8_555 1.53 
537 1 C6  A GCU 1  ? ? 1_555 C6  A GCU 7  ? ? 7_556 1.53 
538 1 C6  A GCU 3  ? ? 1_555 C6  A GCU 5  ? ? 7_556 1.53 
539 1 C6  A GCU 5  ? ? 1_555 C6  A GCU 7  ? ? 8_556 1.53 
540 1 O7  A NAG 2  ? ? 1_555 H62 A NAG 2  ? ? 8_455 1.55 
541 1 O7  A NAG 2  ? ? 1_555 H62 A NAG 6  ? ? 7_456 1.55 
542 1 O7  A NAG 4  ? ? 1_555 H62 A NAG 4  ? ? 7_566 1.55 
543 1 H62 A NAG 2  ? ? 1_555 O7  A NAG 6  ? ? 7_546 1.55 
544 1 O7  A NAG 6  ? ? 1_555 H62 A NAG 6  ? ? 8_656 1.55 
545 1 O7  A NAG 4  ? ? 1_555 H62 A NAG 8  ? ? 8_566 1.55 
546 1 H62 A NAG 4  ? ? 1_555 O7  A NAG 8  ? ? 8_456 1.55 
547 1 O7  A NAG 8  ? ? 1_555 H62 A NAG 8  ? ? 7_547 1.55 
548 1 C3  A NAG 6  ? ? 1_555 C3  A NAG 8  ? ? 5_556 1.58 
549 1 C3  A NAG 2  ? ? 1_555 C3  A NAG 8  ? ? 6_446 1.58 
550 1 C3  A NAG 4  ? ? 1_555 C3  A NAG 6  ? ? 6_456 1.58 
551 1 C3  A NAG 2  ? ? 1_555 C3  A NAG 4  ? ? 5_445 1.58 
552 1 H1  A GCU 1  ? ? 1_555 C8  A NAG 2  ? ? 6_545 1.59 
553 1 C8  A NAG 2  ? ? 1_555 H1  A GCU 5  ? ? 5_445 1.59 
554 1 H1  A GCU 3  ? ? 1_555 C8  A NAG 4  ? ? 5_445 1.59 
555 1 H1  A GCU 1  ? ? 1_555 C8  A NAG 6  ? ? 5_545 1.59 
556 1 H1  A GCU 5  ? ? 1_555 C8  A NAG 6  ? ? 6_456 1.59 
557 1 H1  A GCU 3  ? ? 1_555 C8  A NAG 8  ? ? 6_446 1.59 
558 1 C8  A NAG 4  ? ? 1_555 H1  A GCU 7  ? ? 6_456 1.59 
559 1 H1  A GCU 7  ? ? 1_555 C8  A NAG 8  ? ? 5_556 1.59 
560 1 O6A A GCU 5  ? ? 1_555 O6A A GCU 7  ? ? 8_556 1.59 
561 1 O6A A GCU 3  ? ? 1_555 O6A A GCU 5  ? ? 7_556 1.59 
562 1 O6A A GCU 1  ? ? 1_555 O6A A GCU 7  ? ? 7_556 1.59 
563 1 O6A A GCU 1  ? ? 1_555 O6A A GCU 3  ? ? 8_555 1.59 
564 1 C5  A GCU 7  ? ? 1_555 C8  A NAG 8  ? ? 5_556 1.63 
565 1 C5  A GCU 5  ? ? 1_555 C8  A NAG 6  ? ? 6_456 1.63 
566 1 C5  A GCU 3  ? ? 1_555 C8  A NAG 8  ? ? 6_446 1.63 
567 1 C8  A NAG 4  ? ? 1_555 C5  A GCU 7  ? ? 6_456 1.63 
568 1 C8  A NAG 2  ? ? 1_555 C5  A GCU 5  ? ? 5_445 1.63 
569 1 C5  A GCU 1  ? ? 1_555 C8  A NAG 6  ? ? 5_545 1.63 
570 1 C5  A GCU 3  ? ? 1_555 C8  A NAG 4  ? ? 5_445 1.63 
571 1 C5  A GCU 1  ? ? 1_555 C8  A NAG 2  ? ? 6_545 1.63 
572 1 O5  A GCU 7  ? ? 1_555 N2  A NAG 8  ? ? 5_556 1.65 
573 1 O5  A GCU 5  ? ? 1_555 N2  A NAG 6  ? ? 6_456 1.65 
574 1 O5  A GCU 3  ? ? 1_555 N2  A NAG 8  ? ? 6_446 1.65 
575 1 N2  A NAG 4  ? ? 1_555 O5  A GCU 7  ? ? 6_456 1.65 
576 1 N2  A NAG 2  ? ? 1_555 O5  A GCU 5  ? ? 5_445 1.65 
577 1 O5  A GCU 1  ? ? 1_555 N2  A NAG 6  ? ? 5_545 1.65 
578 1 O5  A GCU 3  ? ? 1_555 N2  A NAG 4  ? ? 5_445 1.65 
579 1 O5  A GCU 1  ? ? 1_555 N2  A NAG 2  ? ? 6_545 1.65 
580 1 C2  A GCU 7  ? ? 1_555 NA  A NA  9  ? ? 3_555 1.66 
581 1 C2  A GCU 3  ? ? 1_555 NA  A NA  9  ? ? 4_445 1.66 
582 1 C2  A GCU 5  ? ? 1_555 NA  A NA  10 ? ? 4_455 1.66 
583 1 C2  A GCU 7  ? ? 1_555 NA  A NA  11 ? ? 4_555 1.66 
584 1 C2  A GCU 3  ? ? 1_555 NA  A NA  11 ? ? 3_444 1.66 
585 1 C2  A GCU 5  ? ? 1_555 NA  A NA  12 ? ? 3_454 1.66 
586 1 C2  A GCU 1  ? ? 1_555 NA  A NA  10 ? ? 3_544 1.66 
587 1 C2  A GCU 1  ? ? 1_555 NA  A NA  12 ? ? 4_544 1.66 
588 1 C3  A NAG 2  ? ? 1_555 C2  A NAG 4  ? ? 5_445 1.66 
589 1 C2  A NAG 2  ? ? 1_555 C3  A NAG 4  ? ? 5_445 1.66 
590 1 C3  A NAG 2  ? ? 1_555 C2  A NAG 8  ? ? 6_446 1.66 
591 1 C2  A NAG 4  ? ? 1_555 C3  A NAG 6  ? ? 6_456 1.66 
592 1 C3  A NAG 4  ? ? 1_555 C2  A NAG 6  ? ? 6_456 1.66 
593 1 C2  A NAG 2  ? ? 1_555 C3  A NAG 8  ? ? 6_446 1.66 
594 1 C3  A NAG 6  ? ? 1_555 C2  A NAG 8  ? ? 5_556 1.66 
595 1 C2  A NAG 6  ? ? 1_555 C3  A NAG 8  ? ? 5_556 1.66 
596 1 C3  A GCU 7  ? ? 1_555 C8  A NAG 8  ? ? 5_556 1.68 
597 1 C8  A NAG 4  ? ? 1_555 C3  A GCU 7  ? ? 6_456 1.68 
598 1 C3  A GCU 3  ? ? 1_555 C8  A NAG 8  ? ? 6_446 1.68 
599 1 C3  A GCU 5  ? ? 1_555 C8  A NAG 6  ? ? 6_456 1.68 
600 1 C3  A GCU 3  ? ? 1_555 C8  A NAG 4  ? ? 5_445 1.68 
601 1 C3  A GCU 1  ? ? 1_555 C8  A NAG 6  ? ? 5_545 1.68 
602 1 C8  A NAG 2  ? ? 1_555 C3  A GCU 5  ? ? 5_445 1.68 
603 1 C3  A GCU 1  ? ? 1_555 C8  A NAG 2  ? ? 6_545 1.68 
604 1 C1  A GCU 7  ? ? 1_555 O7  A NAG 8  ? ? 5_556 1.69 
605 1 C1  A GCU 3  ? ? 1_555 O7  A NAG 8  ? ? 6_446 1.69 
606 1 C1  A GCU 5  ? ? 1_555 O7  A NAG 6  ? ? 6_456 1.69 
607 1 O7  A NAG 4  ? ? 1_555 C1  A GCU 7  ? ? 6_456 1.69 
608 1 O7  A NAG 2  ? ? 1_555 C1  A GCU 5  ? ? 5_445 1.69 
609 1 C1  A GCU 3  ? ? 1_555 O7  A NAG 4  ? ? 5_445 1.69 
610 1 C1  A GCU 1  ? ? 1_555 O7  A NAG 6  ? ? 5_545 1.69 
611 1 C1  A GCU 1  ? ? 1_555 O7  A NAG 2  ? ? 6_545 1.69 
612 1 O3  A GCU 1  ? ? 1_555 O6A A GCU 7  ? ? 4_544 1.70 
613 1 O3  A GCU 1  ? ? 1_555 O6A A GCU 3  ? ? 3_544 1.70 
614 1 O3  A GCU 5  ? ? 1_555 O6A A GCU 7  ? ? 3_454 1.70 
615 1 O3  A GCU 3  ? ? 1_555 O6A A GCU 5  ? ? 3_444 1.70 
616 1 O6A A GCU 5  ? ? 1_555 O3  A GCU 7  ? ? 3_544 1.70 
617 1 O6A A GCU 1  ? ? 1_555 O3  A GCU 3  ? ? 3_454 1.70 
618 1 O6A A GCU 3  ? ? 1_555 O3  A GCU 5  ? ? 3_554 1.70 
619 1 O6A A GCU 1  ? ? 1_555 O3  A GCU 7  ? ? 4_454 1.70 
620 1 O3  A NAG 4  ? ? 1_555 O3  A NAG 6  ? ? 6_456 1.75 
621 1 O3  A NAG 2  ? ? 1_555 O3  A NAG 4  ? ? 5_445 1.75 
622 1 O3  A NAG 6  ? ? 1_555 O3  A NAG 8  ? ? 5_556 1.75 
623 1 O3  A NAG 2  ? ? 1_555 O3  A NAG 8  ? ? 6_446 1.75 
624 1 C2  A GCU 1  ? ? 1_555 O3  A GCU 3  ? ? 8_545 1.81 
625 1 O3  A GCU 1  ? ? 1_555 C2  A GCU 3  ? ? 8_545 1.81 
626 1 C2  A GCU 1  ? ? 1_555 O3  A GCU 7  ? ? 7_546 1.81 
627 1 O3  A GCU 3  ? ? 1_555 C2  A GCU 5  ? ? 7_456 1.81 
628 1 C2  A GCU 3  ? ? 1_555 O3  A GCU 5  ? ? 7_456 1.81 
629 1 O3  A GCU 1  ? ? 1_555 C2  A GCU 7  ? ? 7_546 1.81 
630 1 C2  A GCU 5  ? ? 1_555 O3  A GCU 7  ? ? 8_566 1.81 
631 1 O3  A GCU 5  ? ? 1_555 C2  A GCU 7  ? ? 8_566 1.81 
632 1 C5  A GCU 7  ? ? 1_555 C7  A NAG 8  ? ? 5_556 1.84 
633 1 C5  A GCU 5  ? ? 1_555 C7  A NAG 6  ? ? 6_456 1.84 
634 1 C5  A GCU 3  ? ? 1_555 C7  A NAG 8  ? ? 6_446 1.84 
635 1 C7  A NAG 4  ? ? 1_555 C5  A GCU 7  ? ? 6_456 1.84 
636 1 C7  A NAG 2  ? ? 1_555 C5  A GCU 5  ? ? 5_445 1.84 
637 1 C5  A GCU 1  ? ? 1_555 C7  A NAG 6  ? ? 5_545 1.84 
638 1 C5  A GCU 3  ? ? 1_555 C7  A NAG 4  ? ? 5_445 1.84 
639 1 C5  A GCU 1  ? ? 1_555 C7  A NAG 2  ? ? 6_545 1.84 
640 1 C1  A GCU 1  ? ? 1_555 C8  A NAG 2  ? ? 6_545 1.84 
641 1 C1  A GCU 1  ? ? 1_555 C8  A NAG 6  ? ? 5_545 1.84 
642 1 C1  A GCU 3  ? ? 1_555 C8  A NAG 4  ? ? 5_445 1.84 
643 1 C8  A NAG 2  ? ? 1_555 C1  A GCU 5  ? ? 5_445 1.84 
644 1 C1  A GCU 3  ? ? 1_555 C8  A NAG 8  ? ? 6_446 1.84 
645 1 C8  A NAG 4  ? ? 1_555 C1  A GCU 7  ? ? 6_456 1.84 
646 1 C1  A GCU 5  ? ? 1_555 C8  A NAG 6  ? ? 6_456 1.84 
647 1 C1  A GCU 7  ? ? 1_555 C8  A NAG 8  ? ? 5_556 1.84 
648 1 O2  A GCU 5  ? ? 1_555 O6  A NAG 8  ? ? 8_566 1.85 
649 1 O6  A NAG 6  ? ? 1_555 O2  A GCU 7  ? ? 8_566 1.85 
650 1 O2  A GCU 1  ? ? 1_555 O6  A NAG 8  ? ? 7_546 1.85 
651 1 O6  A NAG 4  ? ? 1_555 O2  A GCU 5  ? ? 7_456 1.85 
652 1 O6  A NAG 2  ? ? 1_555 O2  A GCU 7  ? ? 7_546 1.85 
653 1 O2  A GCU 3  ? ? 1_555 O6  A NAG 6  ? ? 7_456 1.85 
654 1 O2  A GCU 1  ? ? 1_555 O6  A NAG 4  ? ? 8_545 1.85 
655 1 O6  A NAG 2  ? ? 1_555 O2  A GCU 3  ? ? 8_545 1.85 
656 1 C7  A NAG 2  ? ? 1_555 O3  A NAG 8  ? ? 6_446 1.89 
657 1 C7  A NAG 6  ? ? 1_555 O3  A NAG 8  ? ? 5_556 1.89 
658 1 C7  A NAG 2  ? ? 1_555 O3  A NAG 4  ? ? 5_445 1.89 
659 1 O3  A NAG 2  ? ? 1_555 C7  A NAG 4  ? ? 5_445 1.89 
660 1 C7  A NAG 4  ? ? 1_555 O3  A NAG 6  ? ? 6_456 1.89 
661 1 O3  A NAG 4  ? ? 1_555 C7  A NAG 6  ? ? 6_456 1.89 
662 1 O3  A NAG 2  ? ? 1_555 C7  A NAG 8  ? ? 6_446 1.89 
663 1 O3  A NAG 6  ? ? 1_555 C7  A NAG 8  ? ? 5_556 1.89 
664 1 C4  A GCU 7  ? ? 1_555 C8  A NAG 8  ? ? 5_556 1.89 
665 1 C8  A NAG 4  ? ? 1_555 C4  A GCU 7  ? ? 6_456 1.89 
666 1 C4  A GCU 3  ? ? 1_555 C8  A NAG 8  ? ? 6_446 1.89 
667 1 C4  A GCU 5  ? ? 1_555 C8  A NAG 6  ? ? 6_456 1.89 
668 1 C4  A GCU 3  ? ? 1_555 C8  A NAG 4  ? ? 5_445 1.89 
669 1 C4  A GCU 1  ? ? 1_555 C8  A NAG 6  ? ? 5_545 1.89 
670 1 C8  A NAG 2  ? ? 1_555 C4  A GCU 5  ? ? 5_445 1.89 
671 1 C4  A GCU 1  ? ? 1_555 C8  A NAG 2  ? ? 6_545 1.89 
672 1 C2  A NAG 2  ? ? 1_555 C4  A NAG 4  ? ? 5_445 1.90 
673 1 C4  A NAG 2  ? ? 1_555 C2  A NAG 4  ? ? 5_445 1.90 
674 1 C2  A NAG 4  ? ? 1_555 C4  A NAG 6  ? ? 6_456 1.90 
675 1 C4  A NAG 2  ? ? 1_555 C2  A NAG 8  ? ? 6_446 1.90 
676 1 C4  A NAG 4  ? ? 1_555 C2  A NAG 6  ? ? 6_456 1.90 
677 1 C2  A NAG 2  ? ? 1_555 C4  A NAG 8  ? ? 6_446 1.90 
678 1 C4  A NAG 6  ? ? 1_555 C2  A NAG 8  ? ? 5_556 1.90 
679 1 C2  A NAG 6  ? ? 1_555 C4  A NAG 8  ? ? 5_556 1.90 
680 1 C3  A GCU 1  ? ? 1_555 C3  A GCU 3  ? ? 8_545 1.91 
681 1 C3  A GCU 3  ? ? 1_555 C3  A GCU 5  ? ? 7_456 1.91 
682 1 C3  A GCU 1  ? ? 1_555 C3  A GCU 7  ? ? 7_546 1.91 
683 1 C3  A GCU 5  ? ? 1_555 C3  A GCU 7  ? ? 8_566 1.91 
684 1 C6  A NAG 2  ? ? 1_555 O7  A NAG 2  ? ? 8_545 1.91 
685 1 C6  A NAG 2  ? ? 1_555 O7  A NAG 6  ? ? 7_546 1.91 
686 1 O7  A NAG 2  ? ? 1_555 C6  A NAG 6  ? ? 7_456 1.91 
687 1 C6  A NAG 4  ? ? 1_555 O7  A NAG 4  ? ? 7_456 1.91 
688 1 C6  A NAG 6  ? ? 1_555 O7  A NAG 6  ? ? 8_566 1.91 
689 1 C6  A NAG 4  ? ? 1_555 O7  A NAG 8  ? ? 8_456 1.91 
690 1 O7  A NAG 4  ? ? 1_555 C6  A NAG 8  ? ? 8_566 1.91 
691 1 C6  A NAG 8  ? ? 1_555 O7  A NAG 8  ? ? 7_657 1.91 
692 1 C6  A GCU 5  ? ? 1_555 O6A A GCU 7  ? ? 8_556 1.94 
693 1 O6A A GCU 5  ? ? 1_555 C6  A GCU 7  ? ? 8_556 1.94 
694 1 C6  A GCU 1  ? ? 1_555 O6A A GCU 7  ? ? 7_556 1.94 
695 1 C6  A GCU 3  ? ? 1_555 O6A A GCU 5  ? ? 7_556 1.94 
696 1 O6A A GCU 3  ? ? 1_555 C6  A GCU 5  ? ? 7_556 1.94 
697 1 O6A A GCU 1  ? ? 1_555 C6  A GCU 7  ? ? 7_556 1.94 
698 1 C6  A GCU 1  ? ? 1_555 O6A A GCU 3  ? ? 8_555 1.94 
699 1 O6A A GCU 1  ? ? 1_555 C6  A GCU 3  ? ? 8_555 1.94 
700 1 C2  A GCU 1  ? ? 1_555 O6A A GCU 1  ? ? 6_545 1.96 
701 1 O6A A GCU 1  ? ? 1_555 C2  A GCU 5  ? ? 5_445 1.96 
702 1 C2  A GCU 3  ? ? 1_555 O6A A GCU 3  ? ? 5_445 1.96 
703 1 C2  A GCU 1  ? ? 1_555 O6A A GCU 5  ? ? 5_545 1.96 
704 1 C2  A GCU 3  ? ? 1_555 O6A A GCU 7  ? ? 6_446 1.96 
705 1 C2  A GCU 5  ? ? 1_555 O6A A GCU 5  ? ? 6_456 1.96 
706 1 O6A A GCU 3  ? ? 1_555 C2  A GCU 7  ? ? 6_456 1.96 
707 1 C2  A GCU 7  ? ? 1_555 O6A A GCU 7  ? ? 5_556 1.96 
708 1 C2  A GCU 7  ? ? 1_555 C7  A NAG 8  ? ? 5_556 1.97 
709 1 C7  A NAG 4  ? ? 1_555 C2  A GCU 7  ? ? 6_456 1.97 
710 1 C2  A GCU 3  ? ? 1_555 C7  A NAG 8  ? ? 6_446 1.97 
711 1 C2  A GCU 5  ? ? 1_555 C7  A NAG 6  ? ? 6_456 1.97 
712 1 C2  A GCU 3  ? ? 1_555 C7  A NAG 4  ? ? 5_445 1.97 
713 1 C2  A GCU 1  ? ? 1_555 C7  A NAG 6  ? ? 5_545 1.97 
714 1 C7  A NAG 2  ? ? 1_555 C2  A GCU 5  ? ? 5_445 1.97 
715 1 C2  A GCU 1  ? ? 1_555 C7  A NAG 2  ? ? 6_545 1.97 
716 1 O3  A GCU 5  ? ? 1_555 C4  A GCU 7  ? ? 8_566 1.98 
717 1 C4  A GCU 5  ? ? 1_555 O3  A GCU 7  ? ? 8_566 1.98 
718 1 O3  A GCU 1  ? ? 1_555 C4  A GCU 7  ? ? 7_546 1.98 
719 1 C4  A GCU 3  ? ? 1_555 O3  A GCU 5  ? ? 7_456 1.98 
720 1 O3  A GCU 3  ? ? 1_555 C4  A GCU 5  ? ? 7_456 1.98 
721 1 C4  A GCU 1  ? ? 1_555 O3  A GCU 7  ? ? 7_546 1.98 
722 1 C4  A GCU 1  ? ? 1_555 O3  A GCU 3  ? ? 8_545 1.98 
723 1 O3  A GCU 1  ? ? 1_555 C4  A GCU 3  ? ? 8_545 1.98 
724 1 O3  A GCU 7  ? ? 1_555 O6A A GCU 7  ? ? 5_556 1.98 
725 1 O6A A GCU 3  ? ? 1_555 O3  A GCU 7  ? ? 6_456 1.98 
726 1 O3  A GCU 5  ? ? 1_555 O6A A GCU 5  ? ? 6_456 1.98 
727 1 O3  A GCU 3  ? ? 1_555 O6A A GCU 7  ? ? 6_446 1.98 
728 1 O3  A GCU 1  ? ? 1_555 O6A A GCU 5  ? ? 5_545 1.98 
729 1 O6A A GCU 1  ? ? 1_555 O3  A GCU 5  ? ? 5_445 1.98 
730 1 O3  A GCU 3  ? ? 1_555 O6A A GCU 3  ? ? 5_445 1.98 
731 1 O3  A GCU 1  ? ? 1_555 O6A A GCU 1  ? ? 6_545 1.98 
732 1 C1  A GCU 7  ? ? 1_555 C2  A NAG 8  ? ? 5_556 2.02 
733 1 C1  A GCU 5  ? ? 1_555 C2  A NAG 6  ? ? 6_456 2.02 
734 1 C2  A NAG 4  ? ? 1_555 C1  A GCU 7  ? ? 6_456 2.02 
735 1 C1  A GCU 3  ? ? 1_555 C2  A NAG 8  ? ? 6_446 2.02 
736 1 C1  A GCU 1  ? ? 1_555 C2  A NAG 6  ? ? 5_545 2.02 
737 1 C2  A NAG 2  ? ? 1_555 C1  A GCU 5  ? ? 5_445 2.02 
738 1 C1  A GCU 3  ? ? 1_555 C2  A NAG 4  ? ? 5_445 2.02 
739 1 C1  A GCU 1  ? ? 1_555 C2  A NAG 2  ? ? 6_545 2.02 
740 1 O5  A GCU 1  ? ? 1_555 C8  A NAG 2  ? ? 6_545 2.05 
741 1 O5  A GCU 1  ? ? 1_555 C8  A NAG 6  ? ? 5_545 2.05 
742 1 C8  A NAG 2  ? ? 1_555 O5  A GCU 5  ? ? 5_445 2.05 
743 1 O5  A GCU 3  ? ? 1_555 C8  A NAG 4  ? ? 5_445 2.05 
744 1 O5  A GCU 3  ? ? 1_555 C8  A NAG 8  ? ? 6_446 2.05 
745 1 C8  A NAG 4  ? ? 1_555 O5  A GCU 7  ? ? 6_456 2.05 
746 1 O5  A GCU 5  ? ? 1_555 C8  A NAG 6  ? ? 6_456 2.05 
747 1 O5  A GCU 7  ? ? 1_555 C8  A NAG 8  ? ? 5_556 2.05 
748 1 C2  A GCU 1  ? ? 1_555 C8  A NAG 2  ? ? 6_545 2.08 
749 1 C2  A GCU 1  ? ? 1_555 C8  A NAG 6  ? ? 5_545 2.08 
750 1 C8  A NAG 2  ? ? 1_555 C2  A GCU 5  ? ? 5_445 2.08 
751 1 C2  A GCU 3  ? ? 1_555 C8  A NAG 4  ? ? 5_445 2.08 
752 1 C2  A GCU 3  ? ? 1_555 C8  A NAG 8  ? ? 6_446 2.08 
753 1 C8  A NAG 4  ? ? 1_555 C2  A GCU 7  ? ? 6_456 2.08 
754 1 C2  A GCU 5  ? ? 1_555 C8  A NAG 6  ? ? 6_456 2.08 
755 1 C2  A GCU 7  ? ? 1_555 C8  A NAG 8  ? ? 5_556 2.08 
756 1 O6B A GCU 1  ? ? 1_555 C5  A GCU 3  ? ? 8_555 2.09 
757 1 C5  A GCU 1  ? ? 1_555 O6B A GCU 3  ? ? 8_555 2.09 
758 1 O6B A GCU 1  ? ? 1_555 C5  A GCU 7  ? ? 7_556 2.09 
759 1 C5  A GCU 1  ? ? 1_555 O6B A GCU 7  ? ? 7_556 2.09 
760 1 C5  A GCU 3  ? ? 1_555 O6B A GCU 5  ? ? 7_556 2.09 
761 1 O6B A GCU 3  ? ? 1_555 C5  A GCU 5  ? ? 7_556 2.09 
762 1 O6B A GCU 5  ? ? 1_555 C5  A GCU 7  ? ? 8_556 2.09 
763 1 C5  A GCU 5  ? ? 1_555 O6B A GCU 7  ? ? 8_556 2.09 
764 1 C3  A NAG 2  ? ? 1_555 O7  A NAG 4  ? ? 5_445 2.11 
765 1 O7  A NAG 2  ? ? 1_555 C3  A NAG 4  ? ? 5_445 2.11 
766 1 C3  A NAG 4  ? ? 1_555 O7  A NAG 6  ? ? 6_456 2.11 
767 1 C3  A NAG 2  ? ? 1_555 O7  A NAG 8  ? ? 6_446 2.11 
768 1 O7  A NAG 2  ? ? 1_555 C3  A NAG 8  ? ? 6_446 2.11 
769 1 O7  A NAG 4  ? ? 1_555 C3  A NAG 6  ? ? 6_456 2.11 
770 1 C3  A NAG 6  ? ? 1_555 O7  A NAG 8  ? ? 5_556 2.11 
771 1 O7  A NAG 6  ? ? 1_555 C3  A NAG 8  ? ? 5_556 2.11 
772 1 C6  A NAG 8  ? ? 1_555 O6  A NAG 8  ? ? 7_557 2.12 
773 1 C6  A NAG 6  ? ? 1_555 O6  A NAG 6  ? ? 8_556 2.12 
774 1 C6  A NAG 4  ? ? 1_555 O6  A NAG 4  ? ? 7_556 2.12 
775 1 C6  A NAG 2  ? ? 1_555 O6  A NAG 2  ? ? 8_555 2.12 
776 1 O6  A NAG 2  ? ? 1_555 O7  A NAG 2  ? ? 8_545 2.16 
777 1 O7  A NAG 2  ? ? 1_555 O6  A NAG 6  ? ? 7_456 2.16 
778 1 O6  A NAG 2  ? ? 1_555 O7  A NAG 6  ? ? 7_546 2.16 
779 1 O6  A NAG 4  ? ? 1_555 O7  A NAG 4  ? ? 7_456 2.16 
780 1 O6  A NAG 6  ? ? 1_555 O7  A NAG 6  ? ? 8_566 2.16 
781 1 O6  A NAG 4  ? ? 1_555 O7  A NAG 8  ? ? 8_456 2.16 
782 1 O7  A NAG 4  ? ? 1_555 O6  A NAG 8  ? ? 8_566 2.16 
783 1 O6  A NAG 8  ? ? 1_555 O7  A NAG 8  ? ? 7_657 2.16 
# 
loop_
_pdbx_validate_chiral.id 
_pdbx_validate_chiral.PDB_model_num 
_pdbx_validate_chiral.auth_atom_id 
_pdbx_validate_chiral.label_alt_id 
_pdbx_validate_chiral.auth_asym_id 
_pdbx_validate_chiral.auth_comp_id 
_pdbx_validate_chiral.auth_seq_id 
_pdbx_validate_chiral.PDB_ins_code 
_pdbx_validate_chiral.details 
_pdbx_validate_chiral.omega 
1 1 C1 ? A GCU 3 ? 'WRONG HAND' . 
2 1 C1 ? A GCU 5 ? 'WRONG HAND' . 
3 1 C1 ? A GCU 7 ? 'WRONG HAND' . 
# 
loop_
_chem_comp_atom.comp_id 
_chem_comp_atom.atom_id 
_chem_comp_atom.type_symbol 
_chem_comp_atom.pdbx_aromatic_flag 
_chem_comp_atom.pdbx_stereo_config 
_chem_comp_atom.pdbx_ordinal 
GCU C1   C  N S 1  
GCU C2   C  N R 2  
GCU C3   C  N S 3  
GCU C4   C  N S 4  
GCU C5   C  N S 5  
GCU C6   C  N N 6  
GCU O1   O  N N 7  
GCU O2   O  N N 8  
GCU O3   O  N N 9  
GCU O4   O  N N 10 
GCU O5   O  N N 11 
GCU O6A  O  N N 12 
GCU O6B  O  N N 13 
GCU H1   H  N N 14 
GCU H2   H  N N 15 
GCU H3   H  N N 16 
GCU H4   H  N N 17 
GCU H5   H  N N 18 
GCU HO1  H  N N 19 
GCU HO2  H  N N 20 
GCU HO3  H  N N 21 
GCU HO4  H  N N 22 
GCU HO6B H  N N 23 
NA  NA   NA N N 24 
NAG C1   C  N R 25 
NAG C2   C  N R 26 
NAG C3   C  N R 27 
NAG C4   C  N S 28 
NAG C5   C  N R 29 
NAG C6   C  N N 30 
NAG C7   C  N N 31 
NAG C8   C  N N 32 
NAG N2   N  N N 33 
NAG O1   O  N N 34 
NAG O3   O  N N 35 
NAG O4   O  N N 36 
NAG O5   O  N N 37 
NAG O6   O  N N 38 
NAG O7   O  N N 39 
NAG H1   H  N N 40 
NAG H2   H  N N 41 
NAG H3   H  N N 42 
NAG H4   H  N N 43 
NAG H5   H  N N 44 
NAG H61  H  N N 45 
NAG H62  H  N N 46 
NAG H81  H  N N 47 
NAG H82  H  N N 48 
NAG H83  H  N N 49 
NAG HN2  H  N N 50 
NAG HO1  H  N N 51 
NAG HO3  H  N N 52 
NAG HO4  H  N N 53 
NAG HO6  H  N N 54 
# 
loop_
_chem_comp_bond.comp_id 
_chem_comp_bond.atom_id_1 
_chem_comp_bond.atom_id_2 
_chem_comp_bond.value_order 
_chem_comp_bond.pdbx_aromatic_flag 
_chem_comp_bond.pdbx_stereo_config 
_chem_comp_bond.pdbx_ordinal 
GCU C1  C2   sing N N 1  
GCU C1  O1   sing N N 2  
GCU C1  O5   sing N N 3  
GCU C1  H1   sing N N 4  
GCU C2  C3   sing N N 5  
GCU C2  O2   sing N N 6  
GCU C2  H2   sing N N 7  
GCU C3  C4   sing N N 8  
GCU C3  O3   sing N N 9  
GCU C3  H3   sing N N 10 
GCU C4  C5   sing N N 11 
GCU C4  O4   sing N N 12 
GCU C4  H4   sing N N 13 
GCU C5  C6   sing N N 14 
GCU C5  O5   sing N N 15 
GCU C5  H5   sing N N 16 
GCU C6  O6A  doub N N 17 
GCU C6  O6B  sing N N 18 
GCU O1  HO1  sing N N 19 
GCU O2  HO2  sing N N 20 
GCU O3  HO3  sing N N 21 
GCU O4  HO4  sing N N 22 
GCU O6B HO6B sing N N 23 
NAG C1  C2   sing N N 24 
NAG C1  O1   sing N N 25 
NAG C1  O5   sing N N 26 
NAG C1  H1   sing N N 27 
NAG C2  C3   sing N N 28 
NAG C2  N2   sing N N 29 
NAG C2  H2   sing N N 30 
NAG C3  C4   sing N N 31 
NAG C3  O3   sing N N 32 
NAG C3  H3   sing N N 33 
NAG C4  C5   sing N N 34 
NAG C4  O4   sing N N 35 
NAG C4  H4   sing N N 36 
NAG C5  C6   sing N N 37 
NAG C5  O5   sing N N 38 
NAG C5  H5   sing N N 39 
NAG C6  O6   sing N N 40 
NAG C6  H61  sing N N 41 
NAG C6  H62  sing N N 42 
NAG C7  C8   sing N N 43 
NAG C7  N2   sing N N 44 
NAG C7  O7   doub N N 45 
NAG C8  H81  sing N N 46 
NAG C8  H82  sing N N 47 
NAG C8  H83  sing N N 48 
NAG N2  HN2  sing N N 49 
NAG O1  HO1  sing N N 50 
NAG O3  HO3  sing N N 51 
NAG O4  HO4  sing N N 52 
NAG O6  HO6  sing N N 53 
# 
loop_
_pdbx_entity_branch_list.entity_id 
_pdbx_entity_branch_list.comp_id 
_pdbx_entity_branch_list.num 
_pdbx_entity_branch_list.hetero 
1 GCU 1 n 
1 NAG 2 n 
1 GCU 3 n 
1 NAG 4 n 
1 GCU 5 n 
1 NAG 6 n 
1 GCU 7 n 
1 NAG 8 n 
# 
_atom_sites.entry_id                    2HYA 
_atom_sites.fract_transf_matrix[1][1]   -0.09145912 
_atom_sites.fract_transf_matrix[1][2]   0.03737758 
_atom_sites.fract_transf_matrix[1][3]   0.02153615 
_atom_sites.fract_transf_matrix[2][1]   -0.00699567 
_atom_sites.fract_transf_matrix[2][2]   -0.06266700 
_atom_sites.fract_transf_matrix[2][3]   0.07905420 
_atom_sites.fract_transf_matrix[3][1]   0.01240278 
_atom_sites.fract_transf_matrix[3][2]   0.02039892 
_atom_sites.fract_transf_matrix[3][3]   0.01726796 
_atom_sites.fract_transf_vector[1]      0.000000 
_atom_sites.fract_transf_vector[2]      0.000000 
_atom_sites.fract_transf_vector[3]      0.549590 
# 
loop_
_atom_type.symbol 
C  
H  
N  
NA 
O  
# 
loop_
_atom_site.group_PDB 
_atom_site.id 
_atom_site.type_symbol 
_atom_site.label_atom_id 
_atom_site.label_alt_id 
_atom_site.label_comp_id 
_atom_site.label_asym_id 
_atom_site.label_entity_id 
_atom_site.label_seq_id 
_atom_site.pdbx_PDB_ins_code 
_atom_site.Cartn_x 
_atom_site.Cartn_y 
_atom_site.Cartn_z 
_atom_site.occupancy 
_atom_site.B_iso_or_equiv 
_atom_site.pdbx_formal_charge 
_atom_site.auth_seq_id 
_atom_site.auth_comp_id 
_atom_site.auth_asym_id 
_atom_site.auth_atom_id 
_atom_site.pdbx_PDB_model_num 
HETATM 1   C  C1  . GCU A 1 . ? -8.989 -9.267  -11.576 1.00 0.00 ? 1  GCU A C1  1 
HETATM 2   C  C2  . GCU A 1 . ? -9.115 -7.769  -11.820 1.00 0.00 ? 1  GCU A C2  1 
HETATM 3   C  C3  . GCU A 1 . ? -7.746 -7.106  -11.788 1.00 0.00 ? 1  GCU A C3  1 
HETATM 4   C  C4  . GCU A 1 . ? -7.018 -7.461  -10.498 1.00 0.00 ? 1  GCU A C4  1 
HETATM 5   C  C5  . GCU A 1 . ? -7.001 -8.973  -10.302 1.00 0.00 ? 1  GCU A C5  1 
HETATM 6   C  C6  . GCU A 1 . ? -6.390 -9.384  -8.979  1.00 0.00 ? 1  GCU A C6  1 
HETATM 7   O  O2  . GCU A 1 . ? -9.754 -7.549  -13.073 1.00 0.00 ? 1  GCU A O2  1 
HETATM 8   O  O3  . GCU A 1 . ? -7.898 -5.689  -11.882 1.00 0.00 ? 1  GCU A O3  1 
HETATM 9   O  O4  . GCU A 1 . ? -5.671 -6.993  -10.543 1.00 0.00 ? 1  GCU A O4  1 
HETATM 10  O  O5  . GCU A 1 . ? -8.341 -9.489  -10.322 1.00 0.00 ? 1  GCU A O5  1 
HETATM 11  O  O6A . GCU A 1 . ? -5.160 -9.605  -9.011  1.00 0.00 ? 1  GCU A O6A 1 
HETATM 12  O  O6B . GCU A 1 . ? -7.194 -9.449  -8.024  1.00 0.00 ? 1  GCU A O6B 1 
HETATM 13  H  H1  . GCU A 1 . ? -8.394 -9.722  -12.382 1.00 0.00 ? 1  GCU A H1  1 
HETATM 14  H  H2  . GCU A 1 . ? -9.757 -7.323  -11.046 1.00 0.00 ? 1  GCU A H2  1 
HETATM 15  H  H3  . GCU A 1 . ? -7.153 -7.446  -12.650 1.00 0.00 ? 1  GCU A H3  1 
HETATM 16  H  H4  . GCU A 1 . ? -7.527 -6.985  -9.647  1.00 0.00 ? 1  GCU A H4  1 
HETATM 17  H  H5  . GCU A 1 . ? -6.415 -9.441  -11.106 1.00 0.00 ? 1  GCU A H5  1 
HETATM 18  C  C1  . NAG A 1 . ? -5.221 -6.293  -9.431  1.00 0.00 ? 2  NAG A C1  1 
HETATM 19  C  C2  . NAG A 1 . ? -3.698 -6.279  -9.457  1.00 0.00 ? 2  NAG A C2  1 
HETATM 20  C  C3  . NAG A 1 . ? -3.154 -5.403  -8.338  1.00 0.00 ? 2  NAG A C3  1 
HETATM 21  C  C4  . NAG A 1 . ? -3.783 -4.018  -8.398  1.00 0.00 ? 2  NAG A C4  1 
HETATM 22  C  C5  . NAG A 1 . ? -5.304 -4.132  -8.440  1.00 0.00 ? 2  NAG A C5  1 
HETATM 23  C  C6  . NAG A 1 . ? -5.986 -2.791  -8.616  1.00 0.00 ? 2  NAG A C6  1 
HETATM 24  C  C7  . NAG A 1 . ? -1.915 -7.951  -9.761  1.00 0.00 ? 2  NAG A C7  1 
HETATM 25  C  C8  . NAG A 1 . ? -1.534 -9.400  -9.573  1.00 0.00 ? 2  NAG A C8  1 
HETATM 26  N  N2  . NAG A 1 . ? -3.194 -7.666  -9.331  1.00 0.00 ? 2  NAG A N2  1 
HETATM 27  O  O3  . NAG A 1 . ? -1.735 -5.294  -8.462  1.00 0.00 ? 2  NAG A O3  1 
HETATM 28  O  O4  . NAG A 1 . ? -3.416 -3.254  -7.252  1.00 0.00 ? 2  NAG A O4  1 
HETATM 29  O  O5  . NAG A 1 . ? -5.708 -4.954  -9.545  1.00 0.00 ? 2  NAG A O5  1 
HETATM 30  O  O6  . NAG A 1 . ? -7.407 -2.913  -8.593  1.00 0.00 ? 2  NAG A O6  1 
HETATM 31  O  O7  . NAG A 1 . ? -1.164 -7.119  -10.244 1.00 0.00 ? 2  NAG A O7  1 
HETATM 32  H  H1  . NAG A 1 . ? -5.569 -6.731  -8.484  1.00 0.00 ? 2  NAG A H1  1 
HETATM 33  H  H2  . NAG A 1 . ? -3.350 -5.894  -10.426 1.00 0.00 ? 2  NAG A H2  1 
HETATM 34  H  H3  . NAG A 1 . ? -3.379 -5.867  -7.366  1.00 0.00 ? 2  NAG A H3  1 
HETATM 35  H  H4  . NAG A 1 . ? -3.430 -3.493  -9.298  1.00 0.00 ? 2  NAG A H4  1 
HETATM 36  H  H5  . NAG A 1 . ? -5.664 -4.575  -7.500  1.00 0.00 ? 2  NAG A H5  1 
HETATM 37  H  H61 . NAG A 1 . ? -5.684 -2.116  -7.802  1.00 0.00 ? 2  NAG A H61 1 
HETATM 38  H  H62 . NAG A 1 . ? -5.693 -2.354  -9.582  1.00 0.00 ? 2  NAG A H62 1 
HETATM 39  H  H81 . NAG A 1 . ? -0.457 -9.471  -9.356  1.00 0.00 ? 2  NAG A H81 1 
HETATM 40  H  H82 . NAG A 1 . ? -2.104 -9.824  -8.734  1.00 0.00 ? 2  NAG A H82 1 
HETATM 41  H  H83 . NAG A 1 . ? -1.760 -9.962  -10.490 1.00 0.00 ? 2  NAG A H83 1 
HETATM 42  H  HN2 . NAG A 1 . ? -3.749 -8.340  -8.959  1.00 0.00 ? 2  NAG A HN2 1 
HETATM 43  C  C1  . GCU A 1 . ? -0.994 -5.489  -7.303  1.00 0.00 ? 3  GCU A C1  1 
HETATM 44  C  C2  . GCU A 1 . ? 0.407  -4.936  -7.528  1.00 0.00 ? 3  GCU A C2  1 
HETATM 45  C  C3  . GCU A 1 . ? 1.217  -4.994  -6.242  1.00 0.00 ? 3  GCU A C3  1 
HETATM 46  C  C4  . GCU A 1 . ? 0.460  -4.312  -5.110  1.00 0.00 ? 3  GCU A C4  1 
HETATM 47  C  C5  . GCU A 1 . ? -0.952 -4.881  -5.003  1.00 0.00 ? 3  GCU A C5  1 
HETATM 48  C  C6  . GCU A 1 . ? -1.794 -4.163  -3.969  1.00 0.00 ? 3  GCU A C6  1 
HETATM 49  O  O2  . GCU A 1 . ? 1.045  -5.678  -8.562  1.00 0.00 ? 3  GCU A O2  1 
HETATM 50  O  O3  . GCU A 1 . ? 2.475  -4.348  -6.438  1.00 0.00 ? 3  GCU A O3  1 
HETATM 51  O  O4  . GCU A 1 . ? 1.128  -4.523  -3.868  1.00 0.00 ? 3  GCU A O4  1 
HETATM 52  O  O5  . GCU A 1 . ? -1.633 -4.750  -6.261  1.00 0.00 ? 3  GCU A O5  1 
HETATM 53  O  O6A . GCU A 1 . ? -1.756 -4.658  -2.822  1.00 0.00 ? 3  GCU A O6A 1 
HETATM 54  O  O6B . GCU A 1 . ? -2.419 -3.169  -4.395  1.00 0.00 ? 3  GCU A O6B 1 
HETATM 55  H  H1  . GCU A 1 . ? -0.929 -6.549  -7.014  1.00 0.00 ? 3  GCU A H1  1 
HETATM 56  H  H2  . GCU A 1 . ? 0.339  -3.893  -7.872  1.00 0.00 ? 3  GCU A H2  1 
HETATM 57  H  H3  . GCU A 1 . ? 1.407  -6.045  -5.976  1.00 0.00 ? 3  GCU A H3  1 
HETATM 58  H  H4  . GCU A 1 . ? 0.407  -3.231  -5.302  1.00 0.00 ? 3  GCU A H4  1 
HETATM 59  H  H5  . GCU A 1 . ? -0.900 -5.943  -4.723  1.00 0.00 ? 3  GCU A H5  1 
HETATM 60  C  C1  . NAG A 1 . ? 1.327  -3.401  -3.073  1.00 0.00 ? 4  NAG A C1  1 
HETATM 61  C  C2  . NAG A 1 . ? 1.621  -3.863  -1.653  1.00 0.00 ? 4  NAG A C2  1 
HETATM 62  C  C3  . NAG A 1 . ? 1.988  -2.679  -0.771  1.00 0.00 ? 4  NAG A C3  1 
HETATM 63  C  C4  . NAG A 1 . ? 3.118  -1.879  -1.403  1.00 0.00 ? 4  NAG A C4  1 
HETATM 64  C  C5  . NAG A 1 . ? 2.768  -1.521  -2.844  1.00 0.00 ? 4  NAG A C5  1 
HETATM 65  C  C6  . NAG A 1 . ? 3.901  -0.823  -3.565  1.00 0.00 ? 4  NAG A C6  1 
HETATM 66  C  C7  . NAG A 1 . ? 0.605  -5.442  -0.057  1.00 0.00 ? 4  NAG A C7  1 
HETATM 67  C  C8  . NAG A 1 . ? -0.683 -6.093  0.387   1.00 0.00 ? 4  NAG A C8  1 
HETATM 68  N  N2  . NAG A 1 . ? 0.437  -4.573  -1.115  1.00 0.00 ? 4  NAG A N2  1 
HETATM 69  O  O3  . NAG A 1 . ? 2.390  -3.148  0.518   1.00 0.00 ? 4  NAG A O3  1 
HETATM 70  O  O4  . NAG A 1 . ? 3.342  -0.674  -0.676  1.00 0.00 ? 4  NAG A O4  1 
HETATM 71  O  O5  . NAG A 1 . ? 2.466  -2.710  -3.590  1.00 0.00 ? 4  NAG A O5  1 
HETATM 72  O  O6  . NAG A 1 . ? 3.532  -0.444  -4.890  1.00 0.00 ? 4  NAG A O6  1 
HETATM 73  O  O7  . NAG A 1 . ? 1.684  -5.663  0.469   1.00 0.00 ? 4  NAG A O7  1 
HETATM 74  H  H1  . NAG A 1 . ? 0.459  -2.724  -3.068  1.00 0.00 ? 4  NAG A H1  1 
HETATM 75  H  H2  . NAG A 1 . ? 2.452  -4.582  -1.664  1.00 0.00 ? 4  NAG A H2  1 
HETATM 76  H  H3  . NAG A 1 . ? 1.107  -2.031  -0.641  1.00 0.00 ? 4  NAG A H3  1 
HETATM 77  H  H4  . NAG A 1 . ? 4.043  -2.476  -1.388  1.00 0.00 ? 4  NAG A H4  1 
HETATM 78  H  H5  . NAG A 1 . ? 1.896  -0.849  -2.853  1.00 0.00 ? 4  NAG A H5  1 
HETATM 79  H  H61 . NAG A 1 . ? 4.185  0.085   -3.012  1.00 0.00 ? 4  NAG A H61 1 
HETATM 80  H  H62 . NAG A 1 . ? 4.767  -1.498  -3.628  1.00 0.00 ? 4  NAG A H62 1 
HETATM 81  H  H81 . NAG A 1 . ? -0.651 -6.265  1.474   1.00 0.00 ? 4  NAG A H81 1 
HETATM 82  H  H82 . NAG A 1 . ? -1.530 -5.435  0.146   1.00 0.00 ? 4  NAG A H82 1 
HETATM 83  H  H83 . NAG A 1 . ? -0.807 -7.054  -0.132  1.00 0.00 ? 4  NAG A H83 1 
HETATM 84  H  HN2 . NAG A 1 . ? -0.419 -4.425  -1.498  1.00 0.00 ? 4  NAG A HN2 1 
HETATM 85  C  C1  . GCU A 1 . ? 1.833  -2.501  1.614   1.00 0.00 ? 5  GCU A C1  1 
HETATM 86  C  C2  . GCU A 1 . ? 2.668  -2.835  2.844   1.00 0.00 ? 5  GCU A C2  1 
HETATM 87  C  C3  . GCU A 1 . ? 2.186  -2.038  4.047   1.00 0.00 ? 5  GCU A C3  1 
HETATM 88  C  C4  . GCU A 1 . ? 2.146  -0.552  3.715   1.00 0.00 ? 5  GCU A C4  1 
HETATM 89  C  C5  . GCU A 1 . ? 1.350  -0.321  2.435   1.00 0.00 ? 5  GCU A C5  1 
HETATM 90  C  C6  . GCU A 1 . ? 1.369  1.126   1.988   1.00 0.00 ? 5  GCU A C6  1 
HETATM 91  O  O2  . GCU A 1 . ? 2.590  -4.233  3.099   1.00 0.00 ? 5  GCU A O2  1 
HETATM 92  O  O3  . GCU A 1 . ? 3.064  -2.262  5.152   1.00 0.00 ? 5  GCU A O3  1 
HETATM 93  O  O4  . GCU A 1 . ? 1.527  0.177   4.773   1.00 0.00 ? 5  GCU A O4  1 
HETATM 94  O  O5  . GCU A 1 . ? 1.904  -1.097  1.361   1.00 0.00 ? 5  GCU A O5  1 
HETATM 95  O  O6A . GCU A 1 . ? 0.431  1.826   2.426   1.00 0.00 ? 5  GCU A O6A 1 
HETATM 96  O  O6B . GCU A 1 . ? 2.321  1.435   1.239   1.00 0.00 ? 5  GCU A O6B 1 
HETATM 97  H  H1  . GCU A 1 . ? 0.786  -2.789  1.790   1.00 0.00 ? 5  GCU A H1  1 
HETATM 98  H  H2  . GCU A 1 . ? 3.724  -2.599  2.646   1.00 0.00 ? 5  GCU A H2  1 
HETATM 99  H  H3  . GCU A 1 . ? 1.180  -2.378  4.334   1.00 0.00 ? 5  GCU A H3  1 
HETATM 100 H  H4  . GCU A 1 . ? 3.172  -0.178  3.583   1.00 0.00 ? 5  GCU A H4  1 
HETATM 101 H  H5  . GCU A 1 . ? 0.302  -0.613  2.596   1.00 0.00 ? 5  GCU A H5  1 
HETATM 102 C  C1  . NAG A 1 . ? 2.192  1.313   5.215   1.00 0.00 ? 6  NAG A C1  1 
HETATM 103 C  C2  . NAG A 1 . ? 1.205  2.179   5.986   1.00 0.00 ? 6  NAG A C2  1 
HETATM 104 C  C3  . NAG A 1 . ? 1.917  3.367   6.615   1.00 0.00 ? 6  NAG A C3  1 
HETATM 105 C  C4  . NAG A 1 . ? 3.100  2.895   7.448   1.00 0.00 ? 6  NAG A C4  1 
HETATM 106 C  C5  . NAG A 1 . ? 3.995  1.979   6.618   1.00 0.00 ? 6  NAG A C5  1 
HETATM 107 C  C6  . NAG A 1 . ? 5.130  1.383   7.424   1.00 0.00 ? 6  NAG A C6  1 
HETATM 108 C  C7  . NAG A 1 . ? -1.071 3.041   5.604   1.00 0.00 ? 6  NAG A C7  1 
HETATM 109 C  C8  . NAG A 1 . ? -2.069 3.475   4.557   1.00 0.00 ? 6  NAG A C8  1 
HETATM 110 N  N2  . NAG A 1 . ? 0.134  2.632   5.070   1.00 0.00 ? 6  NAG A N2  1 
HETATM 111 O  O3  . NAG A 1 . ? 1.002  4.089   7.443   1.00 0.00 ? 6  NAG A O3  1 
HETATM 112 O  O4  . NAG A 1 . ? 3.874  4.008   7.889   1.00 0.00 ? 6  NAG A O4  1 
HETATM 113 O  O5  . NAG A 1 . ? 3.231  0.881   6.097   1.00 0.00 ? 6  NAG A O5  1 
HETATM 114 O  O6  . NAG A 1 . ? 5.987  0.579   6.617   1.00 0.00 ? 6  NAG A O6  1 
HETATM 115 O  O7  . NAG A 1 . ? -1.308 3.052   6.801   1.00 0.00 ? 6  NAG A O7  1 
HETATM 116 H  H1  . NAG A 1 . ? 2.630  1.897   4.392   1.00 0.00 ? 6  NAG A H1  1 
HETATM 117 H  H2  . NAG A 1 . ? 0.727  1.580   6.773   1.00 0.00 ? 6  NAG A H2  1 
HETATM 118 H  H3  . NAG A 1 . ? 2.271  4.044   5.823   1.00 0.00 ? 6  NAG A H3  1 
HETATM 119 H  H4  . NAG A 1 . ? 2.735  2.349   8.330   1.00 0.00 ? 6  NAG A H4  1 
HETATM 120 H  H5  . NAG A 1 . ? 4.434  2.550   5.786   1.00 0.00 ? 6  NAG A H5  1 
HETATM 121 H  H61 . NAG A 1 . ? 5.730  2.192   7.867   1.00 0.00 ? 6  NAG A H61 1 
HETATM 122 H  H62 . NAG A 1 . ? 4.719  0.752   8.226   1.00 0.00 ? 6  NAG A H62 1 
HETATM 123 H  H81 . NAG A 1 . ? -2.698 4.282   4.963   1.00 0.00 ? 6  NAG A H81 1 
HETATM 124 H  H82 . NAG A 1 . ? -1.533 3.841   3.669   1.00 0.00 ? 6  NAG A H82 1 
HETATM 125 H  H83 . NAG A 1 . ? -2.702 2.622   4.277   1.00 0.00 ? 6  NAG A H83 1 
HETATM 126 H  HN2 . NAG A 1 . ? 0.282  2.638   4.132   1.00 0.00 ? 6  NAG A HN2 1 
HETATM 127 C  C1  . GCU A 1 . ? 0.983  5.470   7.287   1.00 0.00 ? 7  GCU A C1  1 
HETATM 128 C  C2  . GCU A 1 . ? 0.289  6.081   8.498   1.00 0.00 ? 7  GCU A C2  1 
HETATM 129 C  C3  . GCU A 1 . ? 0.367  7.599   8.447   1.00 0.00 ? 7  GCU A C3  1 
HETATM 130 C  C4  . GCU A 1 . ? 1.812  8.048   8.272   1.00 0.00 ? 7  GCU A C4  1 
HETATM 131 C  C5  . GCU A 1 . ? 2.444  7.336   7.082   1.00 0.00 ? 7  GCU A C5  1 
HETATM 132 C  C6  . GCU A 1 . ? 3.916  7.654   6.925   1.00 0.00 ? 7  GCU A C6  1 
HETATM 133 O  O2  . GCU A 1 . ? -1.065 5.645   8.534   1.00 0.00 ? 7  GCU A O2  1 
HETATM 134 O  O3  . GCU A 1 . ? -0.166 8.146   9.654   1.00 0.00 ? 7  GCU A O3  1 
HETATM 135 O  O4  . GCU A 1 . ? 1.870  9.455   8.043   1.00 0.00 ? 7  GCU A O4  1 
HETATM 136 O  O5  . GCU A 1 . ? 2.340  5.913   7.245   1.00 0.00 ? 7  GCU A O5  1 
HETATM 137 O  O6A . GCU A 1 . ? 4.169  8.628   6.183   1.00 0.00 ? 7  GCU A O6A 1 
HETATM 138 O  O6B . GCU A 1 . ? 4.690  6.903   7.556   1.00 0.00 ? 7  GCU A O6B 1 
HETATM 139 H  H1  . GCU A 1 . ? 0.465  5.786   6.369   1.00 0.00 ? 7  GCU A H1  1 
HETATM 140 H  H2  . GCU A 1 . ? 0.772  5.719   9.418   1.00 0.00 ? 7  GCU A H2  1 
HETATM 141 H  H3  . GCU A 1 . ? -0.237 7.970   7.605   1.00 0.00 ? 7  GCU A H3  1 
HETATM 142 H  H4  . GCU A 1 . ? 2.381  7.817   9.184   1.00 0.00 ? 7  GCU A H4  1 
HETATM 143 H  H5  . GCU A 1 . ? 1.931  7.637   6.157   1.00 0.00 ? 7  GCU A H5  1 
HETATM 144 C  C1  . NAG A 1 . ? 2.788  10.169  8.803   1.00 0.00 ? 8  NAG A C1  1 
HETATM 145 C  C2  . NAG A 1 . ? 3.030  11.512  8.128   1.00 0.00 ? 8  NAG A C2  1 
HETATM 146 C  C3  . NAG A 1 . ? 3.918  12.393  8.994   1.00 0.00 ? 8  NAG A C3  1 
HETATM 147 C  C4  . NAG A 1 . ? 3.342  12.506  10.398  1.00 0.00 ? 8  NAG A C4  1 
HETATM 148 C  C5  . NAG A 1 . ? 3.067  11.117  10.967  1.00 0.00 ? 8  NAG A C5  1 
HETATM 149 C  C6  . NAG A 1 . ? 2.386  11.164  12.319  1.00 0.00 ? 8  NAG A C6  1 
HETATM 150 C  C7  . NAG A 1 . ? 3.553  12.281  5.846   1.00 0.00 ? 8  NAG A C7  1 
HETATM 151 C  C8  . NAG A 1 . ? 4.224  11.917  4.543   1.00 0.00 ? 8  NAG A C8  1 
HETATM 152 N  N2  . NAG A 1 . ? 3.646  11.288  6.800   1.00 0.00 ? 8  NAG A N2  1 
HETATM 153 O  O3  . NAG A 1 . ? 4.021  13.693  8.409   1.00 0.00 ? 8  NAG A O3  1 
HETATM 154 O  O4  . NAG A 1 . ? 4.259  13.176  11.259  1.00 0.00 ? 8  NAG A O4  1 
HETATM 155 O  O5  . NAG A 1 . ? 2.200  10.385  10.087  1.00 0.00 ? 8  NAG A O5  1 
HETATM 156 O  O6  . NAG A 1 . ? 2.192  9.858   12.859  1.00 0.00 ? 8  NAG A O6  1 
HETATM 157 O  O7  . NAG A 1 . ? 2.987  13.345  6.034   1.00 0.00 ? 8  NAG A O7  1 
HETATM 158 H  H1  . NAG A 1 . ? 3.745  9.640   8.922   1.00 0.00 ? 8  NAG A H1  1 
HETATM 159 H  H2  . NAG A 1 . ? 2.068  12.017  7.958   1.00 0.00 ? 8  NAG A H2  1 
HETATM 160 H  H3  . NAG A 1 . ? 4.928  11.958  9.044   1.00 0.00 ? 8  NAG A H3  1 
HETATM 161 H  H4  . NAG A 1 . ? 2.406  13.081  10.366  1.00 0.00 ? 8  NAG A H4  1 
HETATM 162 H  H5  . NAG A 1 . ? 4.017  10.574  11.085  1.00 0.00 ? 8  NAG A H5  1 
HETATM 163 H  H61 . NAG A 1 . ? 3.005  11.740  13.022  1.00 0.00 ? 8  NAG A H61 1 
HETATM 164 H  H62 . NAG A 1 . ? 1.402  11.645  12.218  1.00 0.00 ? 8  NAG A H62 1 
HETATM 165 H  H81 . NAG A 1 . ? 4.639  12.825  4.079   1.00 0.00 ? 8  NAG A H81 1 
HETATM 166 H  H82 . NAG A 1 . ? 5.036  11.200  4.735   1.00 0.00 ? 8  NAG A H82 1 
HETATM 167 H  H83 . NAG A 1 . ? 3.487  11.463  3.864   1.00 0.00 ? 8  NAG A H83 1 
HETATM 168 H  HN2 . NAG A 1 . ? 4.095  10.472  6.617   1.00 0.00 ? 8  NAG A HN2 1 
HETATM 169 NA NA  . NA  B 2 . ? -6.471 -11.953 -8.828  1.00 0.00 ? 9  NA  A NA  1 
HETATM 170 NA NA  . NA  C 2 . ? -4.130 -5.246  -3.954  1.00 0.00 ? 10 NA  A NA  1 
HETATM 171 NA NA  . NA  D 2 . ? -0.002 1.308   -0.184  1.00 0.00 ? 11 NA  A NA  1 
HETATM 172 NA NA  . NA  E 2 . ? 4.801  6.350   4.888   1.00 0.00 ? 12 NA  A NA  1 
# 
